data_5UPB
#
_entry.id   5UPB
#
_cell.length_a   75.040
_cell.length_b   75.040
_cell.length_c   179.850
_cell.angle_alpha   90.000
_cell.angle_beta   90.000
_cell.angle_gamma   120.000
#
_symmetry.space_group_name_H-M   'P 32'
#
loop_
_entity.id
_entity.type
_entity.pdbx_description
1 polymer 'Acetoacetate decarboxylase'
2 water water
#
_entity_poly.entity_id   1
_entity_poly.type   'polypeptide(L)'
_entity_poly.pdbx_seq_one_letter_code
;AGATHFLTPTGQASLVDDALYGWGADMLTVYLRCDPARLQALLPAGLKVADGLCMAYVGAFQSTSEDQPAAMLRNPAGAV
YNEAALSIACTHGDRQGYFPAFVWVDKEWSLIRGWLNGYPKKIGAITLARPHPYNPVTGGLREGAVVGGICARHGFTLFR
LGLTVTRAGDAGDLRSRPATFGHRHWPALHPTQTPVSELVEVNRSDLRVGDIWAGEPFIELGSAPDEALECFADHEVLAG
VTYSYGFRIGGATRLESL
;
_entity_poly.pdbx_strand_id   A,B,C,D
#
# COMPACT_ATOMS: atom_id res chain seq x y z
N ALA A 3 -0.51 -26.27 9.40
CA ALA A 3 0.23 -25.29 8.62
C ALA A 3 -0.30 -25.27 7.17
N THR A 4 -0.08 -24.15 6.51
CA THR A 4 -0.68 -23.82 5.21
C THR A 4 0.41 -23.60 4.17
N HIS A 5 -0.02 -23.30 2.93
CA HIS A 5 0.92 -22.78 1.95
C HIS A 5 1.71 -21.62 2.55
N PHE A 6 2.98 -21.45 2.14
CA PHE A 6 3.74 -22.41 1.31
C PHE A 6 4.23 -23.60 2.13
N LEU A 7 3.87 -24.81 1.73
CA LEU A 7 4.30 -26.01 2.44
C LEU A 7 5.72 -26.39 2.05
N THR A 8 6.63 -26.38 3.00
CA THR A 8 8.01 -26.78 2.79
C THR A 8 8.41 -27.65 3.97
N PRO A 9 9.45 -28.48 3.82
CA PRO A 9 9.81 -29.37 4.94
C PRO A 9 10.08 -28.60 6.23
N THR A 10 10.95 -27.59 6.15
CA THR A 10 11.12 -26.61 7.22
C THR A 10 9.80 -26.12 7.82
N GLY A 11 8.88 -25.70 6.96
CA GLY A 11 7.68 -25.03 7.41
C GLY A 11 7.85 -23.54 7.68
N GLN A 12 9.03 -22.98 7.43
CA GLN A 12 9.27 -21.56 7.67
C GLN A 12 8.44 -20.66 6.76
N ALA A 13 7.86 -21.21 5.71
CA ALA A 13 7.19 -20.38 4.71
C ALA A 13 5.67 -20.49 4.79
N SER A 14 5.12 -21.19 5.78
CA SER A 14 3.67 -21.29 5.90
C SER A 14 3.12 -19.95 6.40
N LEU A 15 2.01 -19.52 5.80
CA LEU A 15 1.35 -18.30 6.29
C LEU A 15 0.92 -18.46 7.73
N VAL A 16 0.40 -19.63 8.08
CA VAL A 16 -0.25 -19.89 9.34
C VAL A 16 0.26 -21.24 9.84
N ASP A 17 0.42 -21.36 11.16
CA ASP A 17 0.71 -22.64 11.82
C ASP A 17 -0.44 -22.96 12.77
N ASP A 18 -0.49 -24.18 13.29
CA ASP A 18 -1.54 -24.52 14.24
C ASP A 18 -1.09 -24.34 15.70
N ALA A 19 -0.10 -23.49 15.92
CA ALA A 19 0.26 -23.10 17.26
C ALA A 19 -0.83 -22.21 17.87
N LEU A 20 -0.83 -22.14 19.19
CA LEU A 20 -1.70 -21.21 19.87
C LEU A 20 -1.13 -19.79 19.72
N TYR A 21 -2.00 -18.82 19.50
CA TYR A 21 -1.58 -17.42 19.45
C TYR A 21 -2.17 -16.60 20.58
N GLY A 22 -1.45 -15.53 20.91
CA GLY A 22 -1.98 -14.49 21.78
C GLY A 22 -2.00 -13.17 21.03
N TRP A 23 -2.98 -12.35 21.36
CA TRP A 23 -3.21 -11.04 20.79
C TRP A 23 -3.27 -9.97 21.86
N GLY A 24 -2.72 -8.80 21.56
CA GLY A 24 -3.14 -7.57 22.20
C GLY A 24 -3.63 -6.59 21.16
N ALA A 25 -4.58 -5.77 21.56
CA ALA A 25 -5.25 -4.89 20.59
C ALA A 25 -5.78 -3.65 21.26
N ASP A 26 -5.82 -2.58 20.49
CA ASP A 26 -6.60 -1.40 20.81
C ASP A 26 -7.79 -1.34 19.87
N MET A 27 -8.97 -1.04 20.43
CA MET A 27 -10.23 -1.22 19.71
C MET A 27 -11.06 0.06 19.77
N LEU A 28 -11.69 0.37 18.65
CA LEU A 28 -12.77 1.36 18.57
C LEU A 28 -14.02 0.61 18.15
N THR A 29 -15.07 0.70 18.96
CA THR A 29 -16.29 -0.04 18.72
C THR A 29 -17.52 0.85 18.82
N VAL A 30 -18.43 0.68 17.85
CA VAL A 30 -19.73 1.32 17.86
C VAL A 30 -20.79 0.23 17.79
N TYR A 31 -21.70 0.26 18.74
CA TYR A 31 -22.83 -0.64 18.76
C TYR A 31 -24.02 -0.02 18.04
N LEU A 32 -24.72 -0.87 17.30
CA LEU A 32 -25.83 -0.49 16.42
C LEU A 32 -26.96 -1.49 16.58
N ARG A 33 -28.13 -1.09 16.13
CA ARG A 33 -29.27 -2.00 15.97
C ARG A 33 -29.79 -1.83 14.56
N CYS A 34 -29.86 -2.92 13.82
CA CYS A 34 -30.46 -2.95 12.49
C CYS A 34 -31.71 -3.82 12.54
N ASP A 35 -32.41 -3.83 11.42
CA ASP A 35 -33.58 -4.68 11.24
C ASP A 35 -33.15 -6.14 11.34
N PRO A 36 -33.63 -6.93 12.31
CA PRO A 36 -33.16 -8.31 12.41
C PRO A 36 -33.37 -9.11 11.14
N ALA A 37 -34.41 -8.81 10.35
CA ALA A 37 -34.68 -9.61 9.16
C ALA A 37 -33.59 -9.44 8.12
N ARG A 38 -33.09 -8.21 7.94
CA ARG A 38 -31.96 -8.02 7.03
C ARG A 38 -30.71 -8.74 7.53
N LEU A 39 -30.42 -8.67 8.84
CA LEU A 39 -29.22 -9.33 9.34
C LEU A 39 -29.33 -10.84 9.24
N GLN A 40 -30.54 -11.40 9.45
CA GLN A 40 -30.68 -12.85 9.39
C GLN A 40 -30.24 -13.39 8.03
N ALA A 41 -30.52 -12.65 6.95
CA ALA A 41 -30.13 -13.08 5.61
C ALA A 41 -28.62 -13.26 5.47
N LEU A 42 -27.82 -12.58 6.28
CA LEU A 42 -26.37 -12.74 6.24
C LEU A 42 -25.89 -13.88 7.11
N LEU A 43 -26.74 -14.43 7.96
CA LEU A 43 -26.26 -15.46 8.85
C LEU A 43 -26.29 -16.80 8.18
N PRO A 44 -25.27 -17.63 8.39
CA PRO A 44 -25.34 -19.00 7.89
C PRO A 44 -26.39 -19.80 8.65
N ALA A 45 -26.85 -20.87 8.00
CA ALA A 45 -27.89 -21.71 8.57
C ALA A 45 -27.48 -22.24 9.94
N GLY A 46 -28.40 -22.17 10.89
CA GLY A 46 -28.15 -22.66 12.24
C GLY A 46 -27.92 -21.56 13.25
N LEU A 47 -27.71 -20.33 12.79
CA LEU A 47 -27.57 -19.17 13.66
C LEU A 47 -28.83 -18.32 13.56
N LYS A 48 -29.27 -17.83 14.71
CA LYS A 48 -30.49 -17.04 14.80
C LYS A 48 -30.10 -15.63 15.23
N VAL A 49 -30.58 -14.64 14.49
CA VAL A 49 -30.25 -13.27 14.83
C VAL A 49 -30.82 -12.97 16.23
N ALA A 50 -30.17 -12.06 16.95
CA ALA A 50 -30.72 -11.60 18.22
C ALA A 50 -31.66 -10.45 17.90
N ASP A 51 -31.73 -9.42 18.73
CA ASP A 51 -32.71 -8.38 18.49
C ASP A 51 -32.27 -7.37 17.43
N GLY A 52 -31.25 -7.68 16.64
CA GLY A 52 -30.71 -6.75 15.66
C GLY A 52 -29.45 -6.04 16.12
N LEU A 53 -28.99 -6.28 17.35
CA LEU A 53 -27.73 -5.71 17.80
C LEU A 53 -26.62 -6.14 16.85
N CYS A 54 -25.80 -5.18 16.45
CA CYS A 54 -24.60 -5.34 15.63
C CYS A 54 -23.50 -4.55 16.30
N MET A 55 -22.25 -4.95 16.05
CA MET A 55 -21.11 -4.14 16.47
C MET A 55 -20.25 -3.86 15.26
N ALA A 56 -19.89 -2.60 15.09
CA ALA A 56 -18.84 -2.20 14.15
C ALA A 56 -17.56 -1.93 14.95
N TYR A 57 -16.40 -2.44 14.47
CA TYR A 57 -15.15 -2.06 15.11
C TYR A 57 -14.05 -1.82 14.10
N VAL A 58 -13.11 -0.98 14.54
CA VAL A 58 -11.81 -0.85 13.91
C VAL A 58 -10.77 -1.04 14.99
N GLY A 59 -9.82 -1.93 14.76
CA GLY A 59 -8.80 -2.22 15.75
C GLY A 59 -7.41 -2.35 15.17
N ALA A 60 -6.45 -2.10 16.03
CA ALA A 60 -5.03 -2.34 15.77
C ALA A 60 -4.57 -3.52 16.62
N PHE A 61 -4.15 -4.59 15.96
CA PHE A 61 -3.88 -5.86 16.58
C PHE A 61 -2.40 -6.21 16.51
N GLN A 62 -1.96 -6.94 17.52
CA GLN A 62 -0.59 -7.46 17.59
C GLN A 62 -0.66 -8.91 18.06
N SER A 63 -0.27 -9.84 17.18
CA SER A 63 -0.38 -11.26 17.48
C SER A 63 1.00 -11.91 17.56
N THR A 64 1.08 -12.95 18.38
CA THR A 64 2.33 -13.67 18.66
C THR A 64 2.05 -15.16 18.83
N SER A 65 2.88 -15.97 18.18
CA SER A 65 2.80 -17.42 18.30
C SER A 65 3.50 -17.86 19.58
N GLU A 66 2.84 -18.75 20.32
CA GLU A 66 3.36 -19.22 21.60
C GLU A 66 4.68 -19.95 21.44
N ASP A 67 4.92 -20.57 20.28
CA ASP A 67 6.17 -21.25 19.98
C ASP A 67 7.02 -20.52 18.93
N GLN A 68 6.77 -19.24 18.69
CA GLN A 68 7.73 -18.37 18.02
C GLN A 68 7.56 -17.00 18.68
N PRO A 69 7.72 -16.97 19.99
CA PRO A 69 7.36 -15.76 20.73
C PRO A 69 8.24 -14.59 20.41
N ALA A 70 9.41 -14.81 19.79
CA ALA A 70 10.32 -13.72 19.46
C ALA A 70 10.33 -13.38 17.97
N ALA A 71 9.34 -13.82 17.21
CA ALA A 71 9.36 -13.60 15.76
C ALA A 71 9.32 -12.12 15.39
N MET A 72 8.73 -11.30 16.26
CA MET A 72 8.60 -9.87 16.01
C MET A 72 9.95 -9.18 15.81
N LEU A 73 11.02 -9.72 16.40
CA LEU A 73 12.34 -9.08 16.32
C LEU A 73 12.83 -8.99 14.87
N ARG A 74 12.65 -10.05 14.11
CA ARG A 74 13.14 -10.18 12.74
C ARG A 74 12.07 -9.99 11.68
N ASN A 75 10.81 -10.07 12.06
CA ASN A 75 9.68 -10.01 11.13
C ASN A 75 8.57 -9.17 11.74
N PRO A 76 8.79 -7.88 11.88
CA PRO A 76 7.78 -7.01 12.52
C PRO A 76 6.47 -6.94 11.78
N ALA A 77 6.50 -6.90 10.44
CA ALA A 77 5.25 -6.82 9.71
C ALA A 77 4.42 -8.10 9.83
N GLY A 78 5.03 -9.21 10.21
CA GLY A 78 4.27 -10.40 10.50
C GLY A 78 3.65 -10.47 11.85
N ALA A 79 3.78 -9.41 12.64
CA ALA A 79 3.34 -9.41 14.04
C ALA A 79 2.25 -8.42 14.35
N VAL A 80 1.85 -7.59 13.36
CA VAL A 80 0.86 -6.55 13.56
C VAL A 80 -0.07 -6.52 12.39
N TYR A 81 -1.32 -6.18 12.66
CA TYR A 81 -2.28 -5.95 11.59
C TYR A 81 -3.41 -5.07 12.10
N ASN A 82 -4.11 -4.45 11.16
CA ASN A 82 -5.31 -3.71 11.46
C ASN A 82 -6.50 -4.41 10.88
N GLU A 83 -7.64 -4.22 11.52
CA GLU A 83 -8.85 -4.92 11.12
C GLU A 83 -10.08 -4.10 11.41
N ALA A 84 -11.05 -4.18 10.47
CA ALA A 84 -12.36 -3.57 10.65
C ALA A 84 -13.43 -4.63 10.40
N ALA A 85 -14.54 -4.53 11.13
CA ALA A 85 -15.56 -5.54 10.98
C ALA A 85 -16.94 -4.99 11.30
N LEU A 86 -17.92 -5.65 10.70
CA LEU A 86 -19.34 -5.51 11.06
C LEU A 86 -19.83 -6.89 11.47
N SER A 87 -20.21 -7.04 12.74
CA SER A 87 -20.56 -8.32 13.31
C SER A 87 -21.99 -8.29 13.85
N ILE A 88 -22.64 -9.45 13.81
CA ILE A 88 -24.08 -9.59 14.08
C ILE A 88 -24.26 -10.40 15.36
N ALA A 89 -25.02 -9.85 16.30
CA ALA A 89 -25.35 -10.62 17.49
C ALA A 89 -26.35 -11.71 17.12
N CYS A 90 -26.09 -12.93 17.60
CA CYS A 90 -26.89 -14.09 17.22
C CYS A 90 -26.78 -15.16 18.30
N THR A 91 -27.46 -16.28 18.07
CA THR A 91 -27.48 -17.42 18.98
C THR A 91 -27.38 -18.71 18.17
N HIS A 92 -26.77 -19.71 18.82
CA HIS A 92 -26.75 -21.09 18.34
C HIS A 92 -27.35 -21.88 19.48
N GLY A 93 -28.59 -22.32 19.31
CA GLY A 93 -29.31 -22.87 20.44
C GLY A 93 -29.60 -21.72 21.37
N ASP A 94 -29.15 -21.81 22.62
CA ASP A 94 -29.26 -20.70 23.55
C ASP A 94 -27.91 -20.11 23.86
N ARG A 95 -26.92 -20.41 23.03
CA ARG A 95 -25.58 -19.89 23.22
C ARG A 95 -25.46 -18.58 22.46
N GLN A 96 -25.02 -17.55 23.15
CA GLN A 96 -25.01 -16.20 22.61
C GLN A 96 -23.65 -15.91 22.00
N GLY A 97 -23.66 -15.30 20.82
CA GLY A 97 -22.39 -14.99 20.23
C GLY A 97 -22.51 -13.86 19.23
N TYR A 98 -21.41 -13.65 18.50
CA TYR A 98 -21.37 -12.75 17.37
C TYR A 98 -20.99 -13.57 16.14
N PHE A 99 -21.57 -13.22 15.00
CA PHE A 99 -21.10 -13.72 13.71
C PHE A 99 -20.47 -12.55 12.98
N PRO A 100 -19.16 -12.56 12.77
CA PRO A 100 -18.52 -11.41 12.09
C PRO A 100 -18.66 -11.50 10.56
N ALA A 101 -19.82 -11.04 10.08
CA ALA A 101 -20.21 -11.24 8.68
C ALA A 101 -19.22 -10.61 7.71
N PHE A 102 -18.87 -9.34 7.91
CA PHE A 102 -17.96 -8.63 7.03
C PHE A 102 -16.75 -8.18 7.83
N VAL A 103 -15.57 -8.63 7.43
CA VAL A 103 -14.30 -8.28 8.06
C VAL A 103 -13.30 -7.91 6.97
N TRP A 104 -12.57 -6.81 7.19
CA TRP A 104 -11.46 -6.40 6.33
C TRP A 104 -10.22 -6.28 7.19
N VAL A 105 -9.10 -6.85 6.72
CA VAL A 105 -7.84 -6.90 7.46
C VAL A 105 -6.76 -6.49 6.46
N ASP A 106 -5.60 -6.07 6.97
CA ASP A 106 -4.57 -5.62 6.03
C ASP A 106 -3.34 -6.52 5.99
N LYS A 107 -3.44 -7.75 6.48
CA LYS A 107 -2.36 -8.72 6.37
C LYS A 107 -3.02 -10.06 6.00
N GLU A 108 -2.51 -10.70 4.95
CA GLU A 108 -3.21 -11.89 4.47
C GLU A 108 -3.02 -13.08 5.40
N TRP A 109 -1.96 -13.10 6.23
CA TRP A 109 -1.87 -14.18 7.22
C TRP A 109 -3.00 -14.12 8.21
N SER A 110 -3.49 -12.92 8.50
CA SER A 110 -4.66 -12.80 9.35
C SER A 110 -5.94 -13.13 8.59
N LEU A 111 -5.97 -12.82 7.29
CA LEU A 111 -7.09 -13.24 6.47
C LEU A 111 -7.22 -14.75 6.47
N ILE A 112 -6.13 -15.45 6.22
CA ILE A 112 -6.21 -16.89 6.06
C ILE A 112 -6.49 -17.58 7.39
N ARG A 113 -5.79 -17.18 8.46
CA ARG A 113 -6.13 -17.73 9.77
C ARG A 113 -7.61 -17.54 10.05
N GLY A 114 -8.13 -16.36 9.74
CA GLY A 114 -9.55 -16.11 9.88
C GLY A 114 -10.41 -17.08 9.09
N TRP A 115 -10.12 -17.22 7.80
CA TRP A 115 -10.94 -18.10 6.97
C TRP A 115 -10.93 -19.52 7.51
N LEU A 116 -9.76 -19.99 7.97
CA LEU A 116 -9.66 -21.36 8.47
C LEU A 116 -10.54 -21.58 9.68
N ASN A 117 -10.77 -20.53 10.44
CA ASN A 117 -11.62 -20.55 11.60
C ASN A 117 -13.00 -19.96 11.32
N GLY A 118 -13.34 -19.80 10.03
CA GLY A 118 -14.68 -19.42 9.63
C GLY A 118 -15.01 -17.96 9.74
N TYR A 119 -13.99 -17.11 9.89
CA TYR A 119 -14.16 -15.67 9.88
C TYR A 119 -14.10 -15.19 8.44
N PRO A 120 -15.14 -14.63 7.88
CA PRO A 120 -15.05 -14.15 6.49
C PRO A 120 -14.26 -12.84 6.42
N LYS A 121 -13.06 -12.89 5.80
CA LYS A 121 -12.19 -11.71 5.73
C LYS A 121 -11.77 -11.39 4.29
N LYS A 122 -11.73 -10.09 3.98
CA LYS A 122 -11.11 -9.56 2.77
C LYS A 122 -9.93 -8.69 3.18
N ILE A 123 -9.13 -8.28 2.19
CA ILE A 123 -8.05 -7.35 2.41
C ILE A 123 -8.55 -5.94 2.16
N GLY A 124 -8.30 -5.05 3.11
CA GLY A 124 -8.57 -3.64 2.91
C GLY A 124 -7.44 -2.81 3.49
N ALA A 125 -7.61 -1.51 3.40
CA ALA A 125 -6.72 -0.57 4.07
C ALA A 125 -7.50 -0.05 5.27
N ILE A 126 -6.91 -0.16 6.45
CA ILE A 126 -7.62 0.14 7.70
C ILE A 126 -6.71 1.00 8.57
N THR A 127 -7.26 2.10 9.10
CA THR A 127 -6.51 2.92 10.05
C THR A 127 -7.33 3.12 11.31
N LEU A 128 -6.69 2.89 12.46
CA LEU A 128 -7.20 3.29 13.77
C LEU A 128 -6.30 4.40 14.30
N ALA A 129 -6.88 5.55 14.61
CA ALA A 129 -6.11 6.65 15.21
C ALA A 129 -6.65 6.94 16.59
N ARG A 130 -5.78 6.84 17.59
CA ARG A 130 -6.08 7.28 18.96
C ARG A 130 -5.03 8.30 19.41
N PRO A 131 -5.40 9.23 20.27
CA PRO A 131 -4.44 10.24 20.73
C PRO A 131 -3.31 9.62 21.54
N HIS A 132 -2.09 9.95 21.17
CA HIS A 132 -0.96 9.39 21.86
C HIS A 132 -0.80 10.08 23.23
N PRO A 133 -0.61 9.33 24.31
CA PRO A 133 -0.53 9.97 25.65
C PRO A 133 0.58 11.01 25.75
N TYR A 134 1.65 10.87 24.99
CA TYR A 134 2.71 11.87 25.06
C TYR A 134 2.50 13.09 24.19
N ASN A 135 1.43 13.15 23.43
CA ASN A 135 1.15 14.31 22.56
C ASN A 135 0.80 15.52 23.40
N PRO A 136 1.58 16.60 23.37
CA PRO A 136 1.30 17.72 24.28
C PRO A 136 0.11 18.55 23.86
N VAL A 137 -0.37 18.43 22.62
CA VAL A 137 -1.55 19.19 22.22
C VAL A 137 -2.83 18.55 22.76
N THR A 138 -2.90 17.23 22.78
CA THR A 138 -4.14 16.55 23.12
C THR A 138 -4.08 15.75 24.38
N GLY A 139 -2.88 15.29 24.80
CA GLY A 139 -2.85 14.22 25.76
C GLY A 139 -3.39 12.96 25.12
N GLY A 140 -3.57 11.95 25.97
CA GLY A 140 -4.09 10.66 25.57
C GLY A 140 -5.59 10.57 25.76
N LEU A 141 -6.06 9.36 26.06
CA LEU A 141 -7.48 9.15 26.30
C LEU A 141 -7.90 9.82 27.62
N ARG A 142 -8.98 10.58 27.54
CA ARG A 142 -9.53 11.38 28.62
C ARG A 142 -10.89 11.89 28.17
N GLU A 143 -11.59 12.51 29.09
CA GLU A 143 -12.81 13.18 28.72
C GLU A 143 -12.50 14.21 27.63
N GLY A 144 -13.27 14.20 26.56
CA GLY A 144 -13.00 15.12 25.49
C GLY A 144 -12.08 14.63 24.40
N ALA A 145 -11.38 13.51 24.58
CA ALA A 145 -10.53 12.95 23.53
C ALA A 145 -11.35 12.46 22.33
N VAL A 146 -10.73 12.46 21.16
CA VAL A 146 -11.38 11.93 19.97
C VAL A 146 -10.56 10.77 19.44
N VAL A 147 -11.28 9.75 18.92
CA VAL A 147 -10.72 8.55 18.32
C VAL A 147 -11.39 8.36 16.97
N GLY A 148 -10.65 7.89 15.97
CA GLY A 148 -11.20 7.71 14.63
C GLY A 148 -10.72 6.43 14.00
N GLY A 149 -11.58 5.83 13.18
CA GLY A 149 -11.17 4.67 12.39
C GLY A 149 -11.83 4.72 11.04
N ILE A 150 -11.14 4.16 10.04
CA ILE A 150 -11.67 4.14 8.68
C ILE A 150 -11.14 2.89 7.97
N CYS A 151 -11.95 2.36 7.08
CA CYS A 151 -11.46 1.26 6.26
C CYS A 151 -11.99 1.43 4.85
N ALA A 152 -11.20 0.95 3.90
CA ALA A 152 -11.50 1.12 2.48
C ALA A 152 -10.95 -0.07 1.70
N ARG A 153 -11.56 -0.31 0.53
CA ARG A 153 -11.09 -1.39 -0.33
C ARG A 153 -11.39 -1.03 -1.77
N HIS A 154 -10.44 -1.30 -2.68
CA HIS A 154 -10.61 -1.09 -4.12
C HIS A 154 -10.90 0.38 -4.44
N GLY A 155 -10.47 1.27 -3.54
CA GLY A 155 -10.72 2.67 -3.65
C GLY A 155 -12.03 3.15 -3.04
N PHE A 156 -12.86 2.25 -2.50
CA PHE A 156 -14.15 2.63 -1.93
C PHE A 156 -14.04 2.72 -0.41
N THR A 157 -14.47 3.84 0.14
CA THR A 157 -14.67 3.88 1.59
C THR A 157 -15.71 2.83 1.98
N LEU A 158 -15.36 1.97 2.92
CA LEU A 158 -16.30 0.96 3.40
C LEU A 158 -17.11 1.49 4.58
N PHE A 159 -16.43 1.90 5.66
CA PHE A 159 -17.13 2.65 6.69
C PHE A 159 -16.15 3.47 7.49
N ARG A 160 -16.69 4.48 8.17
CA ARG A 160 -15.95 5.33 9.08
C ARG A 160 -16.57 5.24 10.47
N LEU A 161 -15.74 5.25 11.49
CA LEU A 161 -16.17 5.21 12.89
C LEU A 161 -15.42 6.29 13.67
N GLY A 162 -16.06 6.79 14.71
CA GLY A 162 -15.40 7.75 15.58
C GLY A 162 -16.06 7.78 16.94
N LEU A 163 -15.34 8.36 17.88
CA LEU A 163 -15.80 8.48 19.27
C LEU A 163 -15.28 9.80 19.83
N THR A 164 -16.16 10.57 20.48
CA THR A 164 -15.74 11.67 21.35
C THR A 164 -15.95 11.18 22.78
N VAL A 165 -14.85 11.03 23.52
CA VAL A 165 -14.90 10.39 24.83
C VAL A 165 -15.62 11.30 25.81
N THR A 166 -16.56 10.73 26.57
CA THR A 166 -17.26 11.47 27.61
C THR A 166 -16.89 11.04 29.01
N ARG A 167 -16.44 9.80 29.21
CA ARG A 167 -16.13 9.35 30.56
C ARG A 167 -15.33 8.08 30.50
N ALA A 168 -14.60 7.84 31.59
CA ALA A 168 -14.03 6.52 31.80
C ALA A 168 -15.17 5.50 31.79
N GLY A 169 -14.84 4.27 31.37
CA GLY A 169 -15.85 3.24 31.22
C GLY A 169 -15.43 1.96 31.93
N ASP A 170 -16.27 0.95 31.76
CA ASP A 170 -16.04 -0.33 32.41
C ASP A 170 -16.69 -1.41 31.58
N ALA A 171 -16.64 -2.65 32.06
CA ALA A 171 -17.15 -3.77 31.28
C ALA A 171 -18.65 -3.64 31.04
N GLY A 172 -19.34 -2.86 31.86
CA GLY A 172 -20.74 -2.52 31.58
C GLY A 172 -20.96 -1.88 30.22
N ASP A 173 -19.94 -1.22 29.67
CA ASP A 173 -20.04 -0.53 28.40
C ASP A 173 -19.76 -1.42 27.20
N LEU A 174 -19.39 -2.69 27.43
CA LEU A 174 -19.19 -3.65 26.36
C LEU A 174 -20.41 -4.55 26.26
N ARG A 175 -20.73 -4.98 25.05
CA ARG A 175 -21.82 -5.94 24.87
C ARG A 175 -21.23 -7.31 24.56
N SER A 176 -20.77 -7.95 25.62
CA SER A 176 -20.03 -9.20 25.54
C SER A 176 -20.98 -10.38 25.30
N ARG A 177 -20.62 -11.19 24.30
CA ARG A 177 -21.30 -12.42 24.00
C ARG A 177 -20.19 -13.45 23.89
N PRO A 178 -20.21 -14.54 24.66
CA PRO A 178 -18.98 -15.34 24.80
C PRO A 178 -18.51 -15.98 23.49
N ALA A 179 -19.44 -16.40 22.65
CA ALA A 179 -19.04 -17.16 21.48
C ALA A 179 -18.85 -16.25 20.29
N THR A 180 -17.90 -16.61 19.44
CA THR A 180 -17.82 -16.09 18.08
C THR A 180 -18.09 -17.26 17.16
N PHE A 181 -19.15 -17.15 16.38
CA PHE A 181 -19.54 -18.22 15.48
C PHE A 181 -18.94 -17.91 14.11
N GLY A 182 -18.46 -18.96 13.45
CA GLY A 182 -17.84 -18.82 12.15
C GLY A 182 -18.45 -19.79 11.16
N HIS A 183 -18.24 -19.48 9.88
CA HIS A 183 -18.66 -20.35 8.79
C HIS A 183 -17.38 -20.75 8.07
N ARG A 184 -16.85 -21.90 8.42
CA ARG A 184 -15.65 -22.40 7.78
C ARG A 184 -16.09 -22.95 6.44
N HIS A 185 -15.71 -22.25 5.37
CA HIS A 185 -16.29 -22.48 4.06
C HIS A 185 -15.18 -22.52 3.03
N TRP A 186 -15.16 -23.56 2.20
CA TRP A 186 -14.11 -23.73 1.19
C TRP A 186 -14.76 -24.38 -0.02
N PRO A 187 -15.32 -23.58 -0.91
CA PRO A 187 -16.17 -24.14 -1.96
C PRO A 187 -15.34 -24.82 -3.04
N ALA A 188 -16.03 -25.63 -3.83
CA ALA A 188 -15.44 -26.30 -4.99
C ALA A 188 -15.62 -25.47 -6.25
N LEU A 189 -14.55 -25.26 -7.00
CA LEU A 189 -14.63 -24.62 -8.29
C LEU A 189 -14.72 -25.62 -9.44
N HIS A 190 -14.61 -26.91 -9.14
CA HIS A 190 -14.81 -27.93 -10.12
C HIS A 190 -15.60 -29.01 -9.38
N PRO A 191 -16.58 -29.64 -10.03
CA PRO A 191 -17.39 -30.65 -9.32
C PRO A 191 -16.58 -31.78 -8.70
N THR A 192 -15.36 -32.04 -9.16
CA THR A 192 -14.56 -33.11 -8.58
C THR A 192 -13.81 -32.67 -7.33
N GLN A 193 -13.79 -31.38 -7.02
CA GLN A 193 -13.08 -30.89 -5.86
C GLN A 193 -13.87 -31.17 -4.58
N THR A 194 -13.16 -31.31 -3.46
CA THR A 194 -13.81 -31.58 -2.17
C THR A 194 -14.19 -30.27 -1.50
N PRO A 195 -15.48 -29.97 -1.30
CA PRO A 195 -15.86 -28.73 -0.64
C PRO A 195 -15.95 -28.89 0.87
N VAL A 196 -15.93 -27.76 1.57
CA VAL A 196 -16.15 -27.70 3.01
C VAL A 196 -17.16 -26.62 3.29
N SER A 197 -18.11 -26.91 4.18
CA SER A 197 -19.05 -25.91 4.67
C SER A 197 -19.53 -26.33 6.06
N GLU A 198 -19.05 -25.64 7.09
CA GLU A 198 -19.42 -26.03 8.45
C GLU A 198 -19.39 -24.84 9.40
N LEU A 199 -20.36 -24.87 10.31
CA LEU A 199 -20.44 -23.90 11.39
C LEU A 199 -19.44 -24.28 12.46
N VAL A 200 -18.71 -23.26 12.96
CA VAL A 200 -17.69 -23.48 13.97
C VAL A 200 -17.91 -22.47 15.09
N GLU A 201 -17.30 -22.73 16.23
CA GLU A 201 -17.39 -21.88 17.43
C GLU A 201 -16.00 -21.63 17.97
N VAL A 202 -15.63 -20.35 18.16
CA VAL A 202 -14.35 -20.02 18.80
C VAL A 202 -14.64 -19.52 20.22
N ASN A 203 -13.93 -20.04 21.19
CA ASN A 203 -13.99 -19.49 22.55
C ASN A 203 -12.61 -19.04 22.98
N ARG A 204 -12.58 -17.91 23.69
CA ARG A 204 -11.32 -17.39 24.19
C ARG A 204 -10.91 -18.22 25.39
N SER A 205 -9.66 -18.63 25.41
CA SER A 205 -9.09 -19.36 26.52
C SER A 205 -8.37 -18.42 27.46
N ASP A 206 -8.20 -17.18 27.03
CA ASP A 206 -7.68 -16.12 27.86
C ASP A 206 -8.34 -14.88 27.28
N LEU A 207 -8.80 -14.00 28.14
CA LEU A 207 -9.53 -12.81 27.73
C LEU A 207 -9.26 -11.69 28.73
N ARG A 208 -8.88 -10.53 28.22
CA ARG A 208 -8.73 -9.34 29.04
C ARG A 208 -9.28 -8.10 28.33
N VAL A 209 -10.06 -7.30 29.03
CA VAL A 209 -10.50 -5.99 28.54
C VAL A 209 -10.18 -4.99 29.63
N GLY A 210 -9.72 -3.81 29.22
CA GLY A 210 -9.40 -2.77 30.19
C GLY A 210 -9.18 -1.46 29.47
N ASP A 211 -8.83 -0.43 30.23
CA ASP A 211 -8.62 0.92 29.70
C ASP A 211 -9.78 1.34 28.81
N ILE A 212 -10.95 1.26 29.38
CA ILE A 212 -12.21 1.46 28.67
C ILE A 212 -12.67 2.91 28.83
N TRP A 213 -13.06 3.51 27.70
CA TRP A 213 -13.63 4.86 27.64
C TRP A 213 -14.89 4.85 26.79
N ALA A 214 -15.94 5.50 27.28
CA ALA A 214 -17.21 5.59 26.58
C ALA A 214 -17.36 7.00 26.02
N GLY A 215 -18.26 7.16 25.06
CA GLY A 215 -18.41 8.48 24.52
C GLY A 215 -19.46 8.52 23.44
N GLU A 216 -19.46 9.64 22.72
CA GLU A 216 -20.47 9.89 21.72
C GLU A 216 -19.96 9.29 20.41
N PRO A 217 -20.63 8.29 19.85
CA PRO A 217 -20.12 7.62 18.65
C PRO A 217 -20.60 8.25 17.37
N PHE A 218 -19.91 7.91 16.29
CA PHE A 218 -20.48 8.15 14.97
C PHE A 218 -20.01 7.03 14.07
N ILE A 219 -20.84 6.71 13.11
CA ILE A 219 -20.51 5.72 12.10
C ILE A 219 -21.08 6.23 10.79
N GLU A 220 -20.37 5.97 9.70
CA GLU A 220 -20.86 6.36 8.38
C GLU A 220 -20.50 5.22 7.46
N LEU A 221 -21.52 4.55 6.95
CA LEU A 221 -21.32 3.45 6.04
C LEU A 221 -21.12 4.01 4.63
N GLY A 222 -20.22 3.39 3.88
CA GLY A 222 -20.05 3.67 2.48
C GLY A 222 -20.82 2.71 1.59
N SER A 223 -20.38 2.61 0.34
CA SER A 223 -21.00 1.69 -0.59
C SER A 223 -19.97 1.28 -1.63
N ALA A 224 -20.03 0.03 -2.07
CA ALA A 224 -19.12 -0.46 -3.10
C ALA A 224 -19.82 -1.48 -4.00
N PRO A 225 -19.46 -1.55 -5.27
CA PRO A 225 -20.14 -2.51 -6.17
C PRO A 225 -19.89 -3.97 -5.78
N ASP A 226 -18.83 -4.29 -5.04
CA ASP A 226 -18.50 -5.67 -4.65
C ASP A 226 -18.63 -5.89 -3.14
N GLU A 227 -19.45 -5.10 -2.47
CA GLU A 227 -19.73 -5.27 -1.04
C GLU A 227 -21.22 -5.17 -0.86
N ALA A 228 -21.69 -5.46 0.34
CA ALA A 228 -23.11 -5.40 0.64
C ALA A 228 -23.34 -4.60 1.92
N LEU A 229 -22.70 -3.44 2.00
CA LEU A 229 -22.74 -2.60 3.19
C LEU A 229 -24.14 -2.10 3.47
N GLU A 230 -24.99 -2.00 2.44
CA GLU A 230 -26.35 -1.54 2.63
C GLU A 230 -27.13 -2.42 3.61
N CYS A 231 -26.70 -3.66 3.83
CA CYS A 231 -27.37 -4.51 4.81
C CYS A 231 -27.35 -3.94 6.23
N PHE A 232 -26.41 -3.05 6.53
CA PHE A 232 -26.27 -2.43 7.84
C PHE A 232 -26.72 -0.97 7.83
N ALA A 233 -27.34 -0.52 6.75
CA ALA A 233 -27.51 0.90 6.50
C ALA A 233 -28.59 1.50 7.39
N ASP A 234 -29.70 0.81 7.57
CA ASP A 234 -30.82 1.41 8.28
C ASP A 234 -30.67 1.03 9.74
N HIS A 235 -29.90 1.83 10.49
CA HIS A 235 -29.54 1.43 11.84
C HIS A 235 -29.87 2.53 12.82
N GLU A 236 -29.91 2.13 14.08
CA GLU A 236 -29.95 3.00 15.23
C GLU A 236 -28.59 2.91 15.89
N VAL A 237 -27.95 4.05 16.12
CA VAL A 237 -26.65 4.09 16.78
C VAL A 237 -26.88 4.06 18.29
N LEU A 238 -26.34 3.05 18.96
CA LEU A 238 -26.61 2.84 20.38
C LEU A 238 -25.53 3.40 21.28
N ALA A 239 -24.27 3.09 21.03
CA ALA A 239 -23.22 3.46 21.97
C ALA A 239 -21.87 3.35 21.28
N GLY A 240 -20.88 3.99 21.88
CA GLY A 240 -19.52 3.87 21.40
C GLY A 240 -18.56 3.70 22.55
N VAL A 241 -17.48 2.97 22.30
CA VAL A 241 -16.45 2.70 23.29
C VAL A 241 -15.12 2.45 22.60
N THR A 242 -14.02 2.81 23.29
CA THR A 242 -12.66 2.44 22.89
C THR A 242 -12.01 1.80 24.10
N TYR A 243 -11.17 0.81 23.85
CA TYR A 243 -10.65 0.01 24.95
C TYR A 243 -9.48 -0.82 24.45
N SER A 244 -8.83 -1.48 25.40
CA SER A 244 -7.77 -2.42 25.09
C SER A 244 -8.24 -3.84 25.40
N TYR A 245 -7.66 -4.76 24.66
CA TYR A 245 -8.12 -6.12 24.64
C TYR A 245 -6.98 -7.08 24.41
N GLY A 246 -7.03 -8.20 25.13
CA GLY A 246 -6.07 -9.25 24.94
C GLY A 246 -6.81 -10.58 24.96
N PHE A 247 -6.31 -11.53 24.17
CA PHE A 247 -6.96 -12.82 24.14
C PHE A 247 -6.02 -13.88 23.58
N ARG A 248 -6.37 -15.14 23.85
CA ARG A 248 -5.73 -16.30 23.28
C ARG A 248 -6.87 -17.09 22.68
N ILE A 249 -6.64 -17.60 21.49
CA ILE A 249 -7.57 -18.43 20.75
C ILE A 249 -6.77 -19.53 20.08
N GLY A 250 -7.35 -20.72 20.00
CA GLY A 250 -6.79 -21.77 19.17
C GLY A 250 -7.64 -21.96 17.92
N GLY A 251 -7.78 -23.18 17.42
CA GLY A 251 -8.71 -23.42 16.34
C GLY A 251 -10.15 -23.45 16.81
N ALA A 252 -11.03 -23.00 15.92
CA ALA A 252 -12.46 -23.06 16.17
C ALA A 252 -12.98 -24.50 16.11
N THR A 253 -13.86 -24.84 17.06
CA THR A 253 -14.46 -26.17 17.11
C THR A 253 -15.62 -26.27 16.14
N ARG A 254 -15.67 -27.38 15.43
CA ARG A 254 -16.78 -27.60 14.52
C ARG A 254 -18.05 -27.93 15.30
N LEU A 255 -19.16 -27.27 14.94
CA LEU A 255 -20.47 -27.53 15.51
C LEU A 255 -21.31 -28.46 14.65
N GLU A 256 -21.42 -28.20 13.35
CA GLU A 256 -22.25 -29.01 12.47
C GLU A 256 -21.96 -28.60 11.03
N SER A 257 -22.29 -29.49 10.10
CA SER A 257 -22.23 -29.12 8.68
C SER A 257 -23.37 -28.20 8.29
N LEU A 258 -23.15 -27.46 7.19
CA LEU A 258 -24.16 -26.58 6.59
C LEU A 258 -24.55 -27.06 5.19
N ALA B 3 -19.35 -17.35 -4.97
CA ALA B 3 -19.23 -18.69 -4.42
C ALA B 3 -18.50 -18.68 -3.10
N THR B 4 -17.74 -17.63 -2.78
CA THR B 4 -16.97 -17.55 -1.54
C THR B 4 -17.55 -16.50 -0.62
N HIS B 5 -16.91 -16.36 0.55
CA HIS B 5 -17.13 -15.20 1.39
C HIS B 5 -16.97 -13.92 0.56
N PHE B 6 -17.75 -12.87 0.86
CA PHE B 6 -18.89 -12.88 1.80
C PHE B 6 -20.13 -13.44 1.13
N LEU B 7 -20.76 -14.41 1.77
CA LEU B 7 -21.93 -15.08 1.18
C LEU B 7 -23.18 -14.30 1.52
N THR B 8 -23.91 -13.82 0.51
CA THR B 8 -25.16 -13.09 0.72
C THR B 8 -26.14 -13.56 -0.35
N PRO B 9 -27.44 -13.33 -0.17
CA PRO B 9 -28.40 -13.79 -1.19
C PRO B 9 -28.13 -13.26 -2.59
N THR B 10 -27.86 -11.95 -2.70
CA THR B 10 -27.46 -11.36 -3.98
C THR B 10 -26.29 -12.11 -4.63
N GLY B 11 -25.23 -12.33 -3.86
CA GLY B 11 -23.97 -12.83 -4.38
C GLY B 11 -22.98 -11.74 -4.73
N GLN B 12 -23.36 -10.47 -4.53
CA GLN B 12 -22.52 -9.35 -4.98
C GLN B 12 -21.26 -9.17 -4.14
N ALA B 13 -21.24 -9.65 -2.90
CA ALA B 13 -20.10 -9.44 -2.02
C ALA B 13 -19.14 -10.64 -2.00
N SER B 14 -19.35 -11.65 -2.83
CA SER B 14 -18.43 -12.78 -2.91
C SER B 14 -17.13 -12.38 -3.58
N LEU B 15 -16.05 -12.75 -2.93
CA LEU B 15 -14.73 -12.53 -3.51
C LEU B 15 -14.57 -13.25 -4.85
N VAL B 16 -14.97 -14.52 -4.91
CA VAL B 16 -14.79 -15.36 -6.07
C VAL B 16 -16.10 -16.06 -6.34
N ASP B 17 -16.46 -16.21 -7.61
CA ASP B 17 -17.70 -16.81 -8.08
C ASP B 17 -17.39 -17.96 -9.05
N ASP B 18 -18.44 -18.67 -9.45
CA ASP B 18 -18.31 -19.78 -10.39
C ASP B 18 -18.12 -19.35 -11.83
N ALA B 19 -18.16 -18.06 -12.14
CA ALA B 19 -18.22 -17.66 -13.54
C ALA B 19 -16.92 -17.99 -14.26
N LEU B 20 -16.99 -18.12 -15.59
CA LEU B 20 -15.78 -18.23 -16.37
C LEU B 20 -15.11 -16.87 -16.50
N TYR B 21 -13.79 -16.87 -16.36
CA TYR B 21 -12.99 -15.66 -16.54
C TYR B 21 -12.05 -15.74 -17.75
N GLY B 22 -11.74 -14.56 -18.28
CA GLY B 22 -10.65 -14.41 -19.22
C GLY B 22 -9.63 -13.44 -18.68
N TRP B 23 -8.38 -13.66 -19.05
CA TRP B 23 -7.25 -12.83 -18.63
C TRP B 23 -6.49 -12.34 -19.85
N GLY B 24 -6.04 -11.09 -19.78
CA GLY B 24 -4.90 -10.63 -20.57
C GLY B 24 -3.79 -10.14 -19.67
N ALA B 25 -2.56 -10.31 -20.15
CA ALA B 25 -1.40 -10.02 -19.33
C ALA B 25 -0.18 -9.66 -20.17
N ASP B 26 0.67 -8.83 -19.59
CA ASP B 26 2.03 -8.64 -20.03
C ASP B 26 2.96 -9.29 -19.03
N MET B 27 3.95 -10.00 -19.56
CA MET B 27 4.77 -10.92 -18.77
C MET B 27 6.25 -10.66 -19.00
N LEU B 28 6.99 -10.75 -17.91
CA LEU B 28 8.43 -10.87 -17.92
C LEU B 28 8.80 -12.20 -17.31
N THR B 29 9.53 -13.02 -18.06
CA THR B 29 9.85 -14.37 -17.62
C THR B 29 11.33 -14.67 -17.79
N VAL B 30 11.91 -15.27 -16.75
CA VAL B 30 13.27 -15.76 -16.78
C VAL B 30 13.24 -17.26 -16.46
N TYR B 31 13.84 -18.06 -17.34
CA TYR B 31 13.98 -19.49 -17.12
C TYR B 31 15.30 -19.84 -16.42
N LEU B 32 15.23 -20.81 -15.50
CA LEU B 32 16.35 -21.18 -14.63
C LEU B 32 16.48 -22.69 -14.54
N ARG B 33 17.64 -23.15 -14.06
CA ARG B 33 17.84 -24.54 -13.68
C ARG B 33 18.42 -24.59 -12.27
N CYS B 34 17.73 -25.28 -11.37
CA CYS B 34 18.18 -25.51 -10.01
C CYS B 34 18.45 -26.99 -9.78
N ASP B 35 18.98 -27.29 -8.60
CA ASP B 35 19.21 -28.69 -8.24
C ASP B 35 17.85 -29.40 -8.18
N PRO B 36 17.63 -30.42 -9.01
CA PRO B 36 16.31 -31.07 -8.98
C PRO B 36 15.93 -31.61 -7.61
N ALA B 37 16.90 -32.04 -6.80
CA ALA B 37 16.55 -32.62 -5.51
C ALA B 37 15.98 -31.56 -4.60
N ARG B 38 16.53 -30.35 -4.64
CA ARG B 38 15.96 -29.28 -3.83
C ARG B 38 14.55 -28.94 -4.27
N LEU B 39 14.32 -28.87 -5.59
CA LEU B 39 12.96 -28.53 -6.01
C LEU B 39 11.97 -29.64 -5.66
N GLN B 40 12.40 -30.90 -5.75
CA GLN B 40 11.49 -32.01 -5.45
C GLN B 40 10.92 -31.90 -4.04
N ALA B 41 11.73 -31.41 -3.09
CA ALA B 41 11.27 -31.23 -1.71
C ALA B 41 10.08 -30.27 -1.62
N LEU B 42 9.95 -29.36 -2.60
CA LEU B 42 8.82 -28.43 -2.63
C LEU B 42 7.58 -28.98 -3.33
N LEU B 43 7.69 -30.11 -4.03
CA LEU B 43 6.56 -30.64 -4.79
C LEU B 43 5.65 -31.50 -3.94
N PRO B 44 4.34 -31.38 -4.11
CA PRO B 44 3.44 -32.32 -3.43
C PRO B 44 3.53 -33.72 -3.99
N ALA B 45 3.12 -34.67 -3.17
CA ALA B 45 3.22 -36.07 -3.54
C ALA B 45 2.50 -36.34 -4.87
N GLY B 46 3.18 -37.06 -5.76
CA GLY B 46 2.65 -37.43 -7.05
C GLY B 46 3.24 -36.64 -8.19
N LEU B 47 3.96 -35.55 -7.91
CA LEU B 47 4.65 -34.79 -8.93
C LEU B 47 6.14 -35.07 -8.85
N LYS B 48 6.77 -35.23 -10.01
CA LYS B 48 8.20 -35.54 -10.15
C LYS B 48 8.86 -34.38 -10.84
N VAL B 49 9.96 -33.89 -10.26
CA VAL B 49 10.64 -32.76 -10.85
C VAL B 49 11.13 -33.17 -12.24
N ALA B 50 11.26 -32.18 -13.12
CA ALA B 50 11.85 -32.39 -14.43
C ALA B 50 13.35 -32.20 -14.21
N ASP B 51 14.07 -31.61 -15.14
CA ASP B 51 15.52 -31.56 -14.96
C ASP B 51 15.96 -30.45 -14.01
N GLY B 52 15.05 -29.85 -13.24
CA GLY B 52 15.41 -28.73 -12.39
C GLY B 52 15.03 -27.40 -13.00
N LEU B 53 14.49 -27.41 -14.22
CA LEU B 53 14.00 -26.21 -14.86
C LEU B 53 12.98 -25.54 -13.96
N CYS B 54 13.06 -24.24 -13.93
CA CYS B 54 12.17 -23.37 -13.23
C CYS B 54 11.92 -22.18 -14.04
N MET B 55 10.84 -21.54 -13.69
CA MET B 55 10.43 -20.29 -14.29
C MET B 55 10.18 -19.27 -13.18
N ALA B 56 10.78 -18.11 -13.30
CA ALA B 56 10.43 -16.93 -12.52
C ALA B 56 9.68 -15.98 -13.43
N TYR B 57 8.56 -15.44 -12.95
CA TYR B 57 7.89 -14.42 -13.75
C TYR B 57 7.38 -13.28 -12.89
N VAL B 58 7.26 -12.12 -13.55
CA VAL B 58 6.51 -10.98 -13.05
C VAL B 58 5.54 -10.55 -14.14
N GLY B 59 4.26 -10.39 -13.79
CA GLY B 59 3.26 -10.03 -14.79
C GLY B 59 2.28 -9.01 -14.27
N ALA B 60 1.72 -8.27 -15.22
CA ALA B 60 0.60 -7.38 -15.00
C ALA B 60 -0.60 -8.00 -15.68
N PHE B 61 -1.62 -8.32 -14.88
CA PHE B 61 -2.76 -9.11 -15.35
C PHE B 61 -4.03 -8.29 -15.32
N GLN B 62 -4.92 -8.64 -16.24
CA GLN B 62 -6.24 -8.02 -16.32
C GLN B 62 -7.28 -9.11 -16.54
N SER B 63 -8.15 -9.32 -15.56
CA SER B 63 -9.14 -10.40 -15.63
C SER B 63 -10.56 -9.84 -15.70
N THR B 64 -11.42 -10.59 -16.40
CA THR B 64 -12.80 -10.23 -16.66
C THR B 64 -13.70 -11.45 -16.64
N SER B 65 -14.83 -11.31 -15.97
CA SER B 65 -15.85 -12.34 -15.94
C SER B 65 -16.70 -12.30 -17.20
N GLU B 66 -16.91 -13.47 -17.81
CA GLU B 66 -17.90 -13.59 -18.88
C GLU B 66 -19.27 -13.11 -18.40
N ASP B 67 -19.61 -13.40 -17.15
CA ASP B 67 -20.91 -13.00 -16.58
C ASP B 67 -21.02 -11.47 -16.42
N GLN B 68 -19.94 -10.79 -16.04
CA GLN B 68 -19.98 -9.34 -15.84
C GLN B 68 -18.88 -8.69 -16.65
N PRO B 69 -19.01 -8.72 -17.97
CA PRO B 69 -17.90 -8.27 -18.81
C PRO B 69 -17.64 -6.77 -18.72
N ALA B 70 -18.58 -6.00 -18.19
CA ALA B 70 -18.39 -4.55 -18.07
C ALA B 70 -18.09 -4.11 -16.62
N ALA B 71 -17.75 -5.05 -15.74
CA ALA B 71 -17.57 -4.70 -14.33
C ALA B 71 -16.45 -3.70 -14.12
N MET B 72 -15.49 -3.72 -15.03
CA MET B 72 -14.33 -2.84 -14.98
C MET B 72 -14.72 -1.37 -14.97
N LEU B 73 -15.86 -1.03 -15.57
CA LEU B 73 -16.31 0.35 -15.69
C LEU B 73 -16.51 0.97 -14.30
N ARG B 74 -17.13 0.21 -13.38
CA ARG B 74 -17.46 0.72 -12.04
C ARG B 74 -16.50 0.23 -10.95
N ASN B 75 -15.69 -0.80 -11.24
CA ASN B 75 -14.81 -1.42 -10.26
C ASN B 75 -13.47 -1.75 -10.91
N PRO B 76 -12.70 -0.72 -11.25
CA PRO B 76 -11.42 -0.96 -11.93
C PRO B 76 -10.40 -1.73 -11.11
N ALA B 77 -10.32 -1.48 -9.80
CA ALA B 77 -9.36 -2.20 -8.99
C ALA B 77 -9.72 -3.68 -8.87
N GLY B 78 -10.99 -4.05 -9.13
CA GLY B 78 -11.35 -5.44 -9.19
C GLY B 78 -11.02 -6.12 -10.50
N ALA B 79 -10.36 -5.43 -11.42
CA ALA B 79 -10.13 -5.98 -12.77
C ALA B 79 -8.66 -6.12 -13.14
N VAL B 80 -7.75 -5.69 -12.27
CA VAL B 80 -6.33 -5.74 -12.57
C VAL B 80 -5.59 -6.23 -11.34
N TYR B 81 -4.49 -6.95 -11.58
CA TYR B 81 -3.60 -7.35 -10.49
C TYR B 81 -2.22 -7.62 -11.08
N ASN B 82 -1.22 -7.56 -10.20
CA ASN B 82 0.14 -7.95 -10.54
C ASN B 82 0.50 -9.21 -9.77
N GLU B 83 1.39 -10.00 -10.35
CA GLU B 83 1.74 -11.28 -9.78
C GLU B 83 3.18 -11.64 -10.12
N ALA B 84 3.85 -12.24 -9.13
CA ALA B 84 5.20 -12.77 -9.33
C ALA B 84 5.22 -14.22 -8.85
N ALA B 85 6.02 -15.04 -9.50
CA ALA B 85 6.01 -16.45 -9.13
C ALA B 85 7.34 -17.10 -9.42
N LEU B 86 7.61 -18.16 -8.67
CA LEU B 86 8.67 -19.12 -8.93
C LEU B 86 7.98 -20.47 -9.09
N SER B 87 8.04 -21.05 -10.29
CA SER B 87 7.31 -22.26 -10.64
C SER B 87 8.30 -23.34 -11.06
N ILE B 88 7.92 -24.59 -10.80
CA ILE B 88 8.81 -25.73 -10.95
C ILE B 88 8.29 -26.61 -12.08
N ALA B 89 9.14 -26.91 -13.03
CA ALA B 89 8.74 -27.84 -14.08
C ALA B 89 8.70 -29.25 -13.50
N CYS B 90 7.66 -29.98 -13.79
CA CYS B 90 7.45 -31.28 -13.17
C CYS B 90 6.55 -32.10 -14.06
N THR B 91 6.29 -33.33 -13.62
CA THR B 91 5.43 -34.24 -14.36
C THR B 91 4.52 -34.98 -13.40
N HIS B 92 3.35 -35.34 -13.89
CA HIS B 92 2.45 -36.24 -13.18
C HIS B 92 2.24 -37.38 -14.18
N GLY B 93 2.90 -38.50 -13.92
CA GLY B 93 2.94 -39.54 -14.93
C GLY B 93 3.80 -39.05 -16.07
N ASP B 94 3.29 -39.17 -17.29
CA ASP B 94 3.99 -38.64 -18.45
C ASP B 94 3.51 -37.25 -18.83
N ARG B 95 2.67 -36.63 -18.00
CA ARG B 95 2.06 -35.36 -18.35
C ARG B 95 2.92 -34.22 -17.80
N GLN B 96 3.30 -33.30 -18.68
CA GLN B 96 4.23 -32.26 -18.30
C GLN B 96 3.50 -30.98 -17.87
N GLY B 97 3.97 -30.39 -16.79
CA GLY B 97 3.33 -29.19 -16.31
C GLY B 97 4.26 -28.36 -15.46
N TYR B 98 3.67 -27.34 -14.82
CA TYR B 98 4.34 -26.52 -13.82
C TYR B 98 3.63 -26.64 -12.49
N PHE B 99 4.41 -26.63 -11.40
CA PHE B 99 3.83 -26.43 -10.07
C PHE B 99 4.28 -25.05 -9.62
N PRO B 100 3.38 -24.09 -9.50
CA PRO B 100 3.80 -22.73 -9.08
C PRO B 100 3.98 -22.64 -7.57
N ALA B 101 5.14 -23.08 -7.10
CA ALA B 101 5.37 -23.27 -5.65
C ALA B 101 5.18 -21.99 -4.87
N PHE B 102 5.82 -20.89 -5.31
CA PHE B 102 5.75 -19.62 -4.61
C PHE B 102 5.14 -18.57 -5.55
N VAL B 103 4.02 -18.00 -5.14
CA VAL B 103 3.34 -16.96 -5.90
C VAL B 103 2.96 -15.83 -4.95
N TRP B 104 3.19 -14.60 -5.38
CA TRP B 104 2.76 -13.40 -4.67
C TRP B 104 1.93 -12.55 -5.61
N VAL B 105 0.78 -12.09 -5.13
CA VAL B 105 -0.14 -11.30 -5.93
C VAL B 105 -0.57 -10.10 -5.09
N ASP B 106 -1.11 -9.07 -5.71
CA ASP B 106 -1.47 -7.89 -4.93
C ASP B 106 -2.97 -7.67 -4.84
N LYS B 107 -3.78 -8.68 -5.15
CA LYS B 107 -5.23 -8.59 -4.96
C LYS B 107 -5.70 -9.91 -4.36
N GLU B 108 -6.45 -9.84 -3.25
CA GLU B 108 -6.79 -11.08 -2.54
C GLU B 108 -7.84 -11.90 -3.28
N TRP B 109 -8.62 -11.28 -4.16
CA TRP B 109 -9.51 -12.11 -4.98
C TRP B 109 -8.73 -13.03 -5.89
N SER B 110 -7.54 -12.60 -6.33
CA SER B 110 -6.69 -13.49 -7.12
C SER B 110 -5.98 -14.49 -6.23
N LEU B 111 -5.64 -14.10 -5.01
CA LEU B 111 -5.11 -15.05 -4.04
C LEU B 111 -6.09 -16.17 -3.80
N ILE B 112 -7.35 -15.84 -3.55
CA ILE B 112 -8.31 -16.85 -3.16
C ILE B 112 -8.68 -17.73 -4.33
N ARG B 113 -8.93 -17.13 -5.49
CA ARG B 113 -9.15 -17.99 -6.64
C ARG B 113 -8.00 -18.96 -6.81
N GLY B 114 -6.76 -18.48 -6.66
CA GLY B 114 -5.62 -19.37 -6.73
C GLY B 114 -5.69 -20.51 -5.71
N TRP B 115 -5.90 -20.19 -4.44
CA TRP B 115 -5.89 -21.24 -3.43
C TRP B 115 -6.95 -22.28 -3.73
N LEU B 116 -8.12 -21.85 -4.20
CA LEU B 116 -9.21 -22.80 -4.45
C LEU B 116 -8.83 -23.81 -5.51
N ASN B 117 -7.95 -23.44 -6.43
CA ASN B 117 -7.44 -24.33 -7.48
C ASN B 117 -6.04 -24.82 -7.17
N GLY B 118 -5.60 -24.68 -5.91
CA GLY B 118 -4.35 -25.28 -5.49
C GLY B 118 -3.11 -24.51 -5.86
N TYR B 119 -3.27 -23.24 -6.23
CA TYR B 119 -2.16 -22.35 -6.50
C TYR B 119 -1.78 -21.68 -5.18
N PRO B 120 -0.62 -21.90 -4.66
CA PRO B 120 -0.23 -21.23 -3.41
C PRO B 120 0.12 -19.76 -3.61
N LYS B 121 -0.70 -18.85 -3.05
CA LYS B 121 -0.44 -17.42 -3.22
C LYS B 121 -0.42 -16.69 -1.88
N LYS B 122 0.50 -15.74 -1.77
CA LYS B 122 0.55 -14.75 -0.71
C LYS B 122 0.32 -13.38 -1.33
N ILE B 123 0.11 -12.40 -0.47
CA ILE B 123 -0.02 -11.01 -0.90
C ILE B 123 1.35 -10.36 -0.83
N GLY B 124 1.76 -9.70 -1.91
CA GLY B 124 2.97 -8.91 -1.90
C GLY B 124 2.75 -7.62 -2.66
N ALA B 125 3.80 -6.85 -2.76
CA ALA B 125 3.80 -5.68 -3.63
C ALA B 125 4.64 -6.04 -4.84
N ILE B 126 4.06 -5.88 -6.04
CA ILE B 126 4.68 -6.36 -7.27
C ILE B 126 4.62 -5.28 -8.34
N THR B 127 5.76 -5.01 -9.01
CA THR B 127 5.77 -4.07 -10.12
C THR B 127 6.41 -4.67 -11.37
N LEU B 128 5.73 -4.54 -12.48
CA LEU B 128 6.30 -4.80 -13.80
C LEU B 128 6.42 -3.48 -14.55
N ALA B 129 7.63 -3.14 -14.98
CA ALA B 129 7.87 -1.94 -15.79
C ALA B 129 8.35 -2.33 -17.18
N ARG B 130 7.61 -1.91 -18.19
CA ARG B 130 8.01 -2.01 -19.58
C ARG B 130 8.00 -0.62 -20.24
N PRO B 131 8.88 -0.40 -21.21
CA PRO B 131 8.93 0.91 -21.87
C PRO B 131 7.64 1.22 -22.63
N HIS B 132 7.07 2.39 -22.37
CA HIS B 132 5.83 2.73 -23.04
C HIS B 132 6.10 3.10 -24.50
N PRO B 133 5.34 2.56 -25.46
CA PRO B 133 5.65 2.86 -26.88
C PRO B 133 5.65 4.34 -27.22
N TYR B 134 4.89 5.18 -26.53
CA TYR B 134 4.92 6.60 -26.84
C TYR B 134 6.05 7.35 -26.11
N ASN B 135 6.84 6.67 -25.27
CA ASN B 135 7.92 7.36 -24.55
C ASN B 135 8.98 7.79 -25.55
N PRO B 136 9.19 9.10 -25.76
CA PRO B 136 10.12 9.52 -26.81
C PRO B 136 11.57 9.33 -26.43
N VAL B 137 11.89 9.11 -25.14
CA VAL B 137 13.28 8.87 -24.80
C VAL B 137 13.70 7.45 -25.18
N THR B 138 12.79 6.47 -24.99
CA THR B 138 13.13 5.07 -25.15
C THR B 138 12.39 4.38 -26.29
N GLY B 139 11.22 4.85 -26.69
CA GLY B 139 10.33 4.00 -27.50
C GLY B 139 9.84 2.82 -26.67
N GLY B 140 9.19 1.89 -27.35
CA GLY B 140 8.65 0.69 -26.72
C GLY B 140 9.62 -0.49 -26.80
N LEU B 141 9.05 -1.68 -26.88
CA LEU B 141 9.87 -2.89 -27.00
C LEU B 141 10.53 -2.92 -28.38
N ARG B 142 11.84 -3.14 -28.39
CA ARG B 142 12.73 -3.17 -29.54
C ARG B 142 14.07 -3.73 -29.03
N GLU B 143 14.98 -3.98 -29.96
CA GLU B 143 16.34 -4.34 -29.58
C GLU B 143 16.94 -3.27 -28.71
N GLY B 144 17.51 -3.68 -27.57
CA GLY B 144 18.08 -2.72 -26.65
C GLY B 144 17.13 -2.21 -25.58
N ALA B 145 15.83 -2.47 -25.70
CA ALA B 145 14.92 -2.08 -24.64
C ALA B 145 15.22 -2.86 -23.37
N VAL B 146 14.87 -2.26 -22.23
CA VAL B 146 15.00 -2.90 -20.93
C VAL B 146 13.62 -3.00 -20.29
N VAL B 147 13.42 -4.12 -19.59
CA VAL B 147 12.21 -4.43 -18.84
C VAL B 147 12.62 -4.84 -17.44
N GLY B 148 11.83 -4.46 -16.44
CA GLY B 148 12.15 -4.78 -15.07
C GLY B 148 10.93 -5.21 -14.28
N GLY B 149 11.16 -6.12 -13.32
CA GLY B 149 10.12 -6.51 -12.38
C GLY B 149 10.71 -6.73 -11.00
N ILE B 150 9.88 -6.48 -9.98
CA ILE B 150 10.32 -6.67 -8.59
C ILE B 150 9.10 -7.04 -7.75
N CYS B 151 9.33 -7.83 -6.73
CA CYS B 151 8.26 -8.13 -5.78
C CYS B 151 8.82 -8.15 -4.36
N ALA B 152 7.97 -7.78 -3.40
CA ALA B 152 8.39 -7.64 -2.02
C ALA B 152 7.23 -7.98 -1.10
N ARG B 153 7.56 -8.39 0.12
CA ARG B 153 6.53 -8.67 1.10
C ARG B 153 7.10 -8.44 2.48
N HIS B 154 6.29 -7.81 3.35
CA HIS B 154 6.68 -7.59 4.75
C HIS B 154 7.95 -6.77 4.85
N GLY B 155 8.23 -5.97 3.82
CA GLY B 155 9.43 -5.16 3.76
C GLY B 155 10.65 -5.83 3.17
N PHE B 156 10.55 -7.12 2.83
CA PHE B 156 11.66 -7.88 2.27
C PHE B 156 11.53 -7.95 0.77
N THR B 157 12.60 -7.59 0.08
CA THR B 157 12.67 -7.90 -1.34
C THR B 157 12.60 -9.40 -1.53
N LEU B 158 11.68 -9.84 -2.38
CA LEU B 158 11.59 -11.27 -2.64
C LEU B 158 12.46 -11.66 -3.83
N PHE B 159 12.21 -11.07 -4.98
CA PHE B 159 13.19 -11.17 -6.05
C PHE B 159 13.02 -10.03 -7.05
N ARG B 160 14.08 -9.84 -7.82
CA ARG B 160 14.12 -8.86 -8.89
C ARG B 160 14.39 -9.61 -10.19
N LEU B 161 13.74 -9.18 -11.29
CA LEU B 161 13.93 -9.73 -12.62
C LEU B 161 14.12 -8.59 -13.60
N GLY B 162 14.86 -8.88 -14.66
CA GLY B 162 15.05 -7.89 -15.70
C GLY B 162 15.45 -8.55 -17.00
N LEU B 163 15.32 -7.78 -18.07
CA LEU B 163 15.62 -8.25 -19.42
C LEU B 163 16.18 -7.08 -20.21
N THR B 164 17.30 -7.30 -20.93
CA THR B 164 17.72 -6.38 -21.96
C THR B 164 17.41 -7.05 -23.30
N VAL B 165 16.49 -6.46 -24.05
CA VAL B 165 15.97 -7.11 -25.24
C VAL B 165 17.07 -7.17 -26.30
N THR B 166 17.25 -8.35 -26.89
CA THR B 166 18.20 -8.52 -27.98
C THR B 166 17.55 -8.77 -29.32
N ARG B 167 16.33 -9.33 -29.37
CA ARG B 167 15.70 -9.65 -30.66
C ARG B 167 14.22 -9.92 -30.48
N ALA B 168 13.46 -9.76 -31.57
CA ALA B 168 12.11 -10.28 -31.62
C ALA B 168 12.14 -11.78 -31.37
N GLY B 169 11.07 -12.31 -30.80
CA GLY B 169 11.04 -13.71 -30.42
C GLY B 169 9.82 -14.45 -30.94
N ASP B 170 9.65 -15.71 -30.53
CA ASP B 170 8.52 -16.46 -31.04
C ASP B 170 8.11 -17.48 -29.98
N ALA B 171 7.10 -18.28 -30.29
CA ALA B 171 6.60 -19.19 -29.24
C ALA B 171 7.67 -20.18 -28.83
N GLY B 172 8.63 -20.40 -29.73
CA GLY B 172 9.83 -21.17 -29.46
C GLY B 172 10.65 -20.71 -28.28
N ASP B 173 10.56 -19.43 -27.92
CA ASP B 173 11.36 -18.92 -26.81
C ASP B 173 10.68 -19.10 -25.45
N LEU B 174 9.44 -19.59 -25.45
CA LEU B 174 8.70 -19.95 -24.26
C LEU B 174 8.76 -21.47 -24.07
N ARG B 175 8.72 -21.90 -22.83
CA ARG B 175 8.93 -23.30 -22.49
C ARG B 175 7.58 -23.84 -22.01
N SER B 176 6.74 -24.16 -22.98
CA SER B 176 5.37 -24.54 -22.69
C SER B 176 5.26 -25.97 -22.17
N ARG B 177 4.57 -26.09 -21.04
CA ARG B 177 4.19 -27.36 -20.45
C ARG B 177 2.72 -27.14 -20.15
N PRO B 178 1.80 -27.92 -20.72
CA PRO B 178 0.38 -27.52 -20.71
C PRO B 178 -0.26 -27.49 -19.33
N ALA B 179 0.13 -28.36 -18.43
CA ALA B 179 -0.62 -28.48 -17.20
C ALA B 179 -0.04 -27.55 -16.15
N THR B 180 -0.94 -27.03 -15.33
CA THR B 180 -0.58 -26.41 -14.07
C THR B 180 -1.14 -27.30 -12.98
N PHE B 181 -0.25 -27.83 -12.16
CA PHE B 181 -0.62 -28.74 -11.10
C PHE B 181 -0.74 -27.89 -9.84
N GLY B 182 -1.76 -28.19 -9.05
CA GLY B 182 -2.00 -27.45 -7.84
C GLY B 182 -2.16 -28.40 -6.67
N HIS B 183 -2.00 -27.84 -5.49
CA HIS B 183 -2.25 -28.59 -4.26
C HIS B 183 -3.37 -27.82 -3.57
N ARG B 184 -4.60 -28.28 -3.78
CA ARG B 184 -5.74 -27.67 -3.14
C ARG B 184 -5.74 -28.14 -1.69
N HIS B 185 -5.43 -27.21 -0.80
CA HIS B 185 -5.11 -27.53 0.58
C HIS B 185 -5.83 -26.55 1.51
N TRP B 186 -6.53 -27.11 2.49
CA TRP B 186 -7.33 -26.33 3.42
C TRP B 186 -7.23 -27.04 4.76
N PRO B 187 -6.19 -26.75 5.54
CA PRO B 187 -5.90 -27.58 6.71
C PRO B 187 -6.83 -27.30 7.87
N ALA B 188 -6.85 -28.25 8.80
CA ALA B 188 -7.64 -28.11 10.00
C ALA B 188 -6.76 -27.47 11.07
N LEU B 189 -7.27 -26.42 11.69
CA LEU B 189 -6.61 -25.82 12.82
C LEU B 189 -7.16 -26.35 14.13
N HIS B 190 -8.20 -27.17 14.08
CA HIS B 190 -8.75 -27.87 15.24
C HIS B 190 -9.08 -29.26 14.73
N PRO B 191 -8.83 -30.30 15.53
CA PRO B 191 -9.06 -31.67 15.05
C PRO B 191 -10.46 -31.91 14.58
N THR B 192 -11.44 -31.15 15.03
CA THR B 192 -12.78 -31.40 14.54
C THR B 192 -13.05 -30.73 13.20
N GLN B 193 -12.16 -29.87 12.71
CA GLN B 193 -12.44 -29.20 11.45
C GLN B 193 -12.20 -30.14 10.26
N THR B 194 -12.93 -29.88 9.16
CA THR B 194 -12.85 -30.71 7.96
C THR B 194 -11.72 -30.20 7.07
N PRO B 195 -10.65 -30.98 6.87
CA PRO B 195 -9.54 -30.54 6.03
C PRO B 195 -9.73 -30.98 4.57
N VAL B 196 -8.97 -30.34 3.70
CA VAL B 196 -8.89 -30.71 2.30
C VAL B 196 -7.42 -30.81 1.94
N SER B 197 -7.06 -31.86 1.22
CA SER B 197 -5.71 -31.96 0.68
C SER B 197 -5.76 -32.84 -0.54
N GLU B 198 -5.67 -32.23 -1.72
CA GLU B 198 -5.80 -33.03 -2.92
C GLU B 198 -5.02 -32.39 -4.07
N LEU B 199 -4.40 -33.22 -4.88
CA LEU B 199 -3.70 -32.76 -6.07
C LEU B 199 -4.69 -32.45 -7.19
N VAL B 200 -4.50 -31.31 -7.86
CA VAL B 200 -5.40 -30.92 -8.94
C VAL B 200 -4.61 -30.52 -10.19
N GLU B 201 -5.30 -30.49 -11.32
CA GLU B 201 -4.74 -30.12 -12.61
C GLU B 201 -5.62 -29.13 -13.35
N VAL B 202 -5.03 -27.99 -13.74
CA VAL B 202 -5.66 -26.97 -14.56
C VAL B 202 -5.06 -27.05 -15.96
N ASN B 203 -5.90 -27.09 -17.01
CA ASN B 203 -5.40 -26.78 -18.36
C ASN B 203 -6.09 -25.55 -18.91
N ARG B 204 -5.36 -24.71 -19.62
CA ARG B 204 -5.95 -23.54 -20.25
C ARG B 204 -6.94 -24.00 -21.32
N SER B 205 -8.12 -23.39 -21.34
CA SER B 205 -9.11 -23.69 -22.38
C SER B 205 -9.06 -22.70 -23.54
N ASP B 206 -8.30 -21.64 -23.37
CA ASP B 206 -7.98 -20.68 -24.40
C ASP B 206 -6.61 -20.17 -24.02
N LEU B 207 -5.73 -20.05 -25.01
CA LEU B 207 -4.35 -19.66 -24.78
C LEU B 207 -3.85 -18.83 -25.95
N ARG B 208 -3.28 -17.66 -25.67
CA ARG B 208 -2.63 -16.86 -26.70
C ARG B 208 -1.33 -16.27 -26.18
N VAL B 209 -0.26 -16.35 -26.98
CA VAL B 209 1.01 -15.68 -26.69
C VAL B 209 1.42 -14.90 -27.93
N GLY B 210 1.97 -13.71 -27.72
CA GLY B 210 2.40 -12.92 -28.86
C GLY B 210 3.22 -11.75 -28.36
N ASP B 211 3.63 -10.89 -29.31
CA ASP B 211 4.48 -9.74 -29.04
C ASP B 211 5.65 -10.18 -28.17
N ILE B 212 6.35 -11.17 -28.66
CA ILE B 212 7.39 -11.84 -27.91
C ILE B 212 8.74 -11.21 -28.23
N TRP B 213 9.49 -10.91 -27.17
CA TRP B 213 10.85 -10.40 -27.28
C TRP B 213 11.78 -11.18 -26.36
N ALA B 214 12.93 -11.56 -26.87
CA ALA B 214 13.92 -12.31 -26.11
C ALA B 214 15.08 -11.39 -25.78
N GLY B 215 15.88 -11.78 -24.79
CA GLY B 215 17.00 -10.95 -24.43
C GLY B 215 17.83 -11.52 -23.30
N GLU B 216 18.68 -10.65 -22.78
CA GLU B 216 19.64 -11.04 -21.77
C GLU B 216 18.98 -10.87 -20.41
N PRO B 217 18.78 -11.97 -19.66
CA PRO B 217 18.03 -11.87 -18.40
C PRO B 217 18.91 -11.58 -17.21
N PHE B 218 18.26 -11.16 -16.13
CA PHE B 218 18.92 -11.19 -14.84
C PHE B 218 17.87 -11.47 -13.80
N ILE B 219 18.30 -12.12 -12.73
CA ILE B 219 17.43 -12.41 -11.59
C ILE B 219 18.30 -12.25 -10.37
N GLU B 220 17.71 -11.75 -9.28
CA GLU B 220 18.40 -11.62 -8.00
C GLU B 220 17.37 -12.00 -6.95
N LEU B 221 17.63 -13.11 -6.27
CA LEU B 221 16.74 -13.57 -5.22
C LEU B 221 17.07 -12.85 -3.92
N GLY B 222 16.06 -12.49 -3.16
CA GLY B 222 16.24 -12.00 -1.81
C GLY B 222 16.10 -13.14 -0.81
N SER B 223 15.81 -12.77 0.44
CA SER B 223 15.58 -13.73 1.50
C SER B 223 14.68 -13.07 2.53
N ALA B 224 13.82 -13.88 3.14
CA ALA B 224 12.95 -13.36 4.18
C ALA B 224 12.76 -14.44 5.22
N PRO B 225 12.55 -14.06 6.47
CA PRO B 225 12.40 -15.05 7.54
C PRO B 225 11.18 -15.94 7.38
N ASP B 226 10.16 -15.49 6.64
CA ASP B 226 8.92 -16.26 6.45
C ASP B 226 8.76 -16.74 5.00
N GLU B 227 9.86 -16.89 4.30
CA GLU B 227 9.88 -17.42 2.94
C GLU B 227 10.98 -18.47 2.83
N ALA B 228 11.02 -19.15 1.71
CA ALA B 228 12.03 -20.18 1.46
C ALA B 228 12.67 -19.95 0.12
N LEU B 229 13.08 -18.70 -0.14
CA LEU B 229 13.62 -18.33 -1.44
C LEU B 229 14.94 -19.04 -1.72
N GLU B 230 15.65 -19.42 -0.67
CA GLU B 230 16.92 -20.12 -0.86
C GLU B 230 16.76 -21.42 -1.64
N CYS B 231 15.55 -21.98 -1.67
CA CYS B 231 15.34 -23.19 -2.46
C CYS B 231 15.65 -22.98 -3.93
N PHE B 232 15.59 -21.74 -4.41
CA PHE B 232 15.86 -21.46 -5.83
C PHE B 232 17.20 -20.77 -6.05
N ALA B 233 18.05 -20.67 -5.03
CA ALA B 233 19.19 -19.73 -5.02
C ALA B 233 20.36 -20.18 -5.89
N ASP B 234 20.73 -21.45 -5.84
CA ASP B 234 21.94 -21.87 -6.55
C ASP B 234 21.48 -22.34 -7.93
N HIS B 235 21.38 -21.40 -8.85
CA HIS B 235 20.74 -21.67 -10.13
C HIS B 235 21.64 -21.31 -11.29
N GLU B 236 21.28 -21.84 -12.45
CA GLU B 236 21.83 -21.44 -13.73
C GLU B 236 20.76 -20.64 -14.47
N VAL B 237 21.12 -19.45 -14.91
CA VAL B 237 20.20 -18.59 -15.64
C VAL B 237 20.22 -19.02 -17.10
N LEU B 238 19.06 -19.42 -17.64
CA LEU B 238 19.00 -20.01 -18.97
C LEU B 238 18.61 -19.00 -20.05
N ALA B 239 17.52 -18.26 -19.84
CA ALA B 239 16.99 -17.40 -20.89
C ALA B 239 16.01 -16.39 -20.29
N GLY B 240 15.73 -15.33 -21.05
CA GLY B 240 14.73 -14.36 -20.65
C GLY B 240 13.86 -13.97 -21.82
N VAL B 241 12.60 -13.65 -21.51
CA VAL B 241 11.65 -13.28 -22.54
C VAL B 241 10.61 -12.37 -21.93
N THR B 242 10.08 -11.48 -22.75
CA THR B 242 8.92 -10.68 -22.34
C THR B 242 7.88 -10.82 -23.43
N TYR B 243 6.60 -10.83 -23.05
CA TYR B 243 5.59 -11.16 -24.03
C TYR B 243 4.22 -10.78 -23.53
N SER B 244 3.23 -10.91 -24.42
CA SER B 244 1.84 -10.72 -24.03
C SER B 244 1.13 -12.06 -24.08
N TYR B 245 0.10 -12.16 -23.23
CA TYR B 245 -0.53 -13.44 -22.97
C TYR B 245 -2.01 -13.30 -22.67
N GLY B 246 -2.79 -14.26 -23.17
CA GLY B 246 -4.20 -14.30 -22.88
C GLY B 246 -4.61 -15.72 -22.59
N PHE B 247 -5.57 -15.88 -21.69
CA PHE B 247 -5.98 -17.24 -21.41
C PHE B 247 -7.33 -17.27 -20.73
N ARG B 248 -7.91 -18.44 -20.76
CA ARG B 248 -9.11 -18.78 -20.01
C ARG B 248 -8.75 -20.01 -19.23
N ILE B 249 -9.20 -20.05 -17.98
CA ILE B 249 -9.05 -21.18 -17.06
C ILE B 249 -10.36 -21.34 -16.29
N GLY B 250 -10.74 -22.59 -16.01
CA GLY B 250 -11.83 -22.88 -15.09
C GLY B 250 -11.40 -23.45 -13.75
N GLY B 251 -12.20 -24.34 -13.18
CA GLY B 251 -11.78 -25.08 -12.00
C GLY B 251 -10.81 -26.18 -12.34
N ALA B 252 -9.90 -26.44 -11.40
CA ALA B 252 -8.93 -27.51 -11.54
C ALA B 252 -9.53 -28.85 -11.16
N THR B 253 -9.29 -29.85 -12.01
CA THR B 253 -9.82 -31.19 -11.82
C THR B 253 -9.01 -31.91 -10.75
N ARG B 254 -9.69 -32.59 -9.83
CA ARG B 254 -8.99 -33.39 -8.85
C ARG B 254 -8.34 -34.61 -9.49
N LEU B 255 -7.08 -34.86 -9.14
CA LEU B 255 -6.36 -36.06 -9.57
C LEU B 255 -6.33 -37.16 -8.52
N GLU B 256 -6.05 -36.81 -7.26
CA GLU B 256 -5.83 -37.77 -6.18
C GLU B 256 -5.77 -37.01 -4.87
N SER B 257 -6.11 -37.70 -3.79
CA SER B 257 -5.91 -37.15 -2.45
C SER B 257 -4.45 -37.20 -2.06
N LEU B 258 -4.08 -36.31 -1.14
CA LEU B 258 -2.80 -36.35 -0.48
C LEU B 258 -3.05 -36.55 1.03
N ALA C 1 -6.19 27.09 8.44
CA ALA C 1 -5.10 27.91 7.94
C ALA C 1 -4.05 27.07 7.18
N GLY C 2 -4.51 26.36 6.16
CA GLY C 2 -3.60 25.61 5.31
C GLY C 2 -2.66 26.52 4.56
N ALA C 3 -1.39 26.13 4.48
CA ALA C 3 -0.36 26.96 3.86
C ALA C 3 0.25 26.39 2.58
N THR C 4 -0.07 25.15 2.19
CA THR C 4 0.51 24.51 1.00
C THR C 4 -0.57 24.14 -0.01
N HIS C 5 -0.11 23.60 -1.15
CA HIS C 5 -1.03 22.92 -2.05
C HIS C 5 -1.86 21.91 -1.24
N PHE C 6 -3.13 21.72 -1.58
CA PHE C 6 -3.92 22.50 -2.52
C PHE C 6 -4.39 23.79 -1.88
N LEU C 7 -4.02 24.93 -2.46
CA LEU C 7 -4.43 26.22 -1.92
C LEU C 7 -5.86 26.55 -2.36
N THR C 8 -6.75 26.73 -1.37
CA THR C 8 -8.11 27.16 -1.67
C THR C 8 -8.50 28.18 -0.62
N PRO C 9 -9.59 28.93 -0.84
CA PRO C 9 -10.02 29.91 0.16
C PRO C 9 -10.23 29.29 1.54
N ALA C 13 -7.88 22.02 2.33
CA ALA C 13 -7.31 21.08 1.37
C ALA C 13 -5.79 21.18 1.31
N SER C 14 -5.18 22.00 2.17
CA SER C 14 -3.74 22.06 2.25
C SER C 14 -3.19 20.86 2.99
N LEU C 15 -2.10 20.30 2.45
CA LEU C 15 -1.36 19.25 3.15
C LEU C 15 -0.90 19.67 4.55
N VAL C 16 -0.40 20.92 4.69
CA VAL C 16 0.24 21.35 5.94
C VAL C 16 -0.33 22.69 6.35
N ASP C 17 -0.50 22.87 7.67
CA ASP C 17 -0.92 24.12 8.30
C ASP C 17 0.29 24.95 8.72
N ASP C 18 0.12 26.26 8.63
CA ASP C 18 0.98 27.23 9.32
C ASP C 18 0.50 27.29 10.76
N ALA C 19 1.05 26.41 11.60
CA ALA C 19 0.54 26.25 12.96
C ALA C 19 1.50 25.37 13.74
N LEU C 20 1.41 25.48 15.05
CA LEU C 20 2.15 24.57 15.92
C LEU C 20 1.53 23.19 15.86
N TYR C 21 2.38 22.17 15.79
CA TYR C 21 1.95 20.79 15.81
C TYR C 21 2.46 20.14 17.09
N GLY C 22 1.74 19.12 17.54
CA GLY C 22 2.23 18.23 18.58
C GLY C 22 2.34 16.80 18.09
N TRP C 23 3.32 16.09 18.63
CA TRP C 23 3.58 14.68 18.34
C TRP C 23 3.62 13.88 19.63
N GLY C 24 3.08 12.67 19.59
CA GLY C 24 3.50 11.61 20.49
C GLY C 24 3.98 10.45 19.65
N ALA C 25 4.94 9.69 20.17
CA ALA C 25 5.55 8.67 19.34
C ALA C 25 6.10 7.54 20.19
N ASP C 26 6.09 6.34 19.62
CA ASP C 26 6.87 5.21 20.10
C ASP C 26 8.03 4.95 19.15
N MET C 27 9.21 4.71 19.71
CA MET C 27 10.47 4.70 18.98
C MET C 27 11.29 3.46 19.27
N LEU C 28 11.91 2.95 18.23
CA LEU C 28 12.98 1.97 18.31
C LEU C 28 14.23 2.63 17.76
N THR C 29 15.29 2.69 18.56
CA THR C 29 16.49 3.39 18.17
C THR C 29 17.72 2.52 18.41
N VAL C 30 18.61 2.51 17.43
CA VAL C 30 19.91 1.86 17.47
C VAL C 30 20.97 2.93 17.22
N TYR C 31 21.91 3.06 18.14
CA TYR C 31 23.04 3.97 17.95
C TYR C 31 24.20 3.22 17.31
N LEU C 32 24.88 3.90 16.39
CA LEU C 32 25.95 3.33 15.57
C LEU C 32 27.10 4.30 15.49
N ARG C 33 28.26 3.78 15.10
CA ARG C 33 29.38 4.64 14.77
C ARG C 33 29.91 4.26 13.41
N CYS C 34 29.96 5.21 12.50
CA CYS C 34 30.57 5.03 11.19
C CYS C 34 31.79 5.92 11.09
N ASP C 35 32.49 5.78 9.99
CA ASP C 35 33.64 6.61 9.68
C ASP C 35 33.18 8.06 9.54
N PRO C 36 33.69 8.99 10.38
CA PRO C 36 33.22 10.38 10.27
C PRO C 36 33.42 10.98 8.89
N ALA C 37 34.44 10.56 8.16
CA ALA C 37 34.72 11.17 6.86
C ALA C 37 33.64 10.82 5.85
N ARG C 38 33.15 9.59 5.88
CA ARG C 38 32.06 9.21 5.00
C ARG C 38 30.79 9.98 5.33
N LEU C 39 30.48 10.14 6.62
CA LEU C 39 29.27 10.86 6.99
C LEU C 39 29.35 12.33 6.61
N GLN C 40 30.54 12.93 6.71
CA GLN C 40 30.66 14.36 6.41
C GLN C 40 30.20 14.65 5.00
N ALA C 41 30.47 13.74 4.05
CA ALA C 41 30.04 13.95 2.68
C ALA C 41 28.54 14.10 2.57
N LEU C 42 27.78 13.54 3.53
CA LEU C 42 26.33 13.67 3.49
C LEU C 42 25.83 14.94 4.17
N LEU C 43 26.70 15.65 4.89
CA LEU C 43 26.25 16.81 5.63
C LEU C 43 26.26 18.03 4.74
N PRO C 44 25.26 18.89 4.81
CA PRO C 44 25.34 20.14 4.06
C PRO C 44 26.39 21.06 4.66
N ALA C 45 26.86 21.98 3.82
CA ALA C 45 27.92 22.89 4.23
C ALA C 45 27.51 23.64 5.49
N GLY C 46 28.42 23.71 6.45
CA GLY C 46 28.20 24.43 7.69
C GLY C 46 27.95 23.54 8.88
N LEU C 47 27.68 22.26 8.67
CA LEU C 47 27.56 21.29 9.74
C LEU C 47 28.81 20.44 9.71
N LYS C 48 29.37 20.17 10.89
CA LYS C 48 30.60 19.39 11.02
C LYS C 48 30.28 18.10 11.74
N VAL C 49 30.71 16.98 11.15
CA VAL C 49 30.42 15.70 11.74
C VAL C 49 31.04 15.59 13.13
N ALA C 50 30.43 14.78 13.98
CA ALA C 50 31.02 14.51 15.29
C ALA C 50 31.95 13.31 15.13
N ASP C 51 32.04 12.43 16.13
CA ASP C 51 33.00 11.33 16.06
C ASP C 51 32.49 10.16 15.21
N GLY C 52 31.43 10.35 14.43
CA GLY C 52 30.83 9.28 13.66
C GLY C 52 29.59 8.69 14.25
N LEU C 53 29.17 9.15 15.44
CA LEU C 53 27.92 8.66 15.99
C LEU C 53 26.77 8.93 15.02
N CYS C 54 25.96 7.89 14.79
CA CYS C 54 24.74 7.94 14.00
C CYS C 54 23.64 7.27 14.79
N MET C 55 22.41 7.65 14.49
CA MET C 55 21.25 6.95 15.05
C MET C 55 20.36 6.48 13.90
N ALA C 56 19.98 5.21 13.97
CA ALA C 56 18.91 4.66 13.16
C ALA C 56 17.65 4.54 14.01
N TYR C 57 16.51 4.97 13.48
CA TYR C 57 15.30 4.73 14.24
C TYR C 57 14.18 4.30 13.31
N VAL C 58 13.24 3.57 13.89
CA VAL C 58 11.93 3.31 13.32
C VAL C 58 10.91 3.72 14.37
N GLY C 59 9.95 4.55 13.98
CA GLY C 59 8.98 5.04 14.95
C GLY C 59 7.57 5.07 14.40
N ALA C 60 6.62 5.00 15.32
CA ALA C 60 5.20 5.22 15.05
C ALA C 60 4.78 6.53 15.70
N PHE C 61 4.33 7.46 14.86
CA PHE C 61 4.08 8.85 15.27
C PHE C 61 2.60 9.18 15.19
N GLN C 62 2.18 10.09 16.05
CA GLN C 62 0.81 10.60 16.05
C GLN C 62 0.94 12.10 16.20
N SER C 63 0.57 12.85 15.15
CA SER C 63 0.75 14.30 15.14
C SER C 63 -0.60 14.97 15.05
N THR C 64 -0.67 16.17 15.61
CA THR C 64 -1.90 16.94 15.69
C THR C 64 -1.58 18.42 15.53
N SER C 65 -2.36 19.08 14.67
CA SER C 65 -2.26 20.51 14.48
C SER C 65 -3.04 21.23 15.58
N GLU C 66 -2.45 22.25 16.18
CA GLU C 66 -3.22 23.08 17.09
C GLU C 66 -4.36 23.82 16.39
N ASP C 67 -4.30 23.95 15.07
CA ASP C 67 -5.41 24.52 14.29
C ASP C 67 -6.61 23.57 14.22
N GLN C 68 -6.38 22.26 14.35
CA GLN C 68 -7.46 21.26 14.26
C GLN C 68 -7.20 20.16 15.28
N PRO C 69 -7.31 20.48 16.57
CA PRO C 69 -6.95 19.48 17.57
C PRO C 69 -7.84 18.28 17.58
N ALA C 70 -9.02 18.32 16.97
CA ALA C 70 -9.92 17.18 16.93
C ALA C 70 -9.99 16.52 15.55
N ALA C 71 -9.04 16.81 14.66
CA ALA C 71 -9.13 16.31 13.29
C ALA C 71 -9.12 14.80 13.22
N MET C 72 -8.54 14.15 14.23
CA MET C 72 -8.44 12.70 14.27
C MET C 72 -9.83 12.04 14.24
N LEU C 73 -10.88 12.72 14.74
CA LEU C 73 -12.21 12.12 14.78
C LEU C 73 -12.73 11.78 13.38
N ARG C 74 -12.54 12.70 12.46
CA ARG C 74 -13.08 12.56 11.11
C ARG C 74 -12.04 12.14 10.07
N ASN C 75 -10.75 12.25 10.41
CA ASN C 75 -9.66 11.98 9.47
C ASN C 75 -8.54 11.26 10.21
N PRO C 76 -8.77 10.00 10.61
CA PRO C 76 -7.72 9.28 11.34
C PRO C 76 -6.45 9.07 10.55
N ALA C 77 -6.51 8.79 9.24
CA ALA C 77 -5.27 8.59 8.51
C ALA C 77 -4.45 9.88 8.39
N GLY C 78 -5.05 11.04 8.59
CA GLY C 78 -4.29 12.28 8.63
C GLY C 78 -3.62 12.58 9.96
N ALA C 79 -3.70 11.66 10.91
CA ALA C 79 -3.22 11.90 12.28
C ALA C 79 -2.12 10.96 12.75
N VAL C 80 -1.76 9.96 11.94
CA VAL C 80 -0.76 8.95 12.28
C VAL C 80 0.16 8.72 11.08
N TYR C 81 1.42 8.42 11.38
CA TYR C 81 2.37 8.02 10.35
C TYR C 81 3.51 7.23 10.98
N ASN C 82 4.17 6.46 10.14
CA ASN C 82 5.39 5.75 10.52
C ASN C 82 6.58 6.32 9.79
N GLU C 83 7.75 6.23 10.42
CA GLU C 83 8.93 6.85 9.88
C GLU C 83 10.17 6.08 10.30
N ALA C 84 11.12 5.98 9.39
CA ALA C 84 12.43 5.41 9.64
C ALA C 84 13.48 6.41 9.17
N ALA C 85 14.61 6.45 9.86
CA ALA C 85 15.60 7.44 9.50
C ALA C 85 17.00 6.96 9.89
N LEU C 86 17.97 7.50 9.18
CA LEU C 86 19.40 7.42 9.53
C LEU C 86 19.89 8.85 9.72
N SER C 87 20.31 9.19 10.94
CA SER C 87 20.68 10.53 11.36
C SER C 87 22.14 10.60 11.81
N ILE C 88 22.75 11.74 11.59
CA ILE C 88 24.20 11.92 11.79
C ILE C 88 24.41 12.93 12.90
N ALA C 89 25.21 12.54 13.90
CA ALA C 89 25.57 13.50 14.94
C ALA C 89 26.54 14.51 14.35
N CYS C 90 26.28 15.79 14.61
CA CYS C 90 27.07 16.85 13.99
C CYS C 90 26.97 18.09 14.88
N THR C 91 27.65 19.15 14.45
CA THR C 91 27.68 20.43 15.16
C THR C 91 27.56 21.56 14.15
N HIS C 92 26.95 22.64 14.61
CA HIS C 92 26.90 23.92 13.91
C HIS C 92 27.52 24.90 14.89
N GLY C 93 28.76 25.30 14.61
CA GLY C 93 29.50 26.05 15.61
C GLY C 93 29.82 25.08 16.74
N ASP C 94 29.54 25.47 17.97
CA ASP C 94 29.71 24.57 19.10
C ASP C 94 28.38 23.90 19.52
N ARG C 95 27.30 24.13 18.79
CA ARG C 95 25.99 23.59 19.14
C ARG C 95 25.84 22.19 18.58
N GLN C 96 25.46 21.26 19.46
CA GLN C 96 25.41 19.84 19.12
C GLN C 96 24.02 19.45 18.64
N GLY C 97 23.97 18.67 17.56
CA GLY C 97 22.69 18.25 17.05
C GLY C 97 22.79 16.98 16.22
N TYR C 98 21.68 16.65 15.58
CA TYR C 98 21.58 15.59 14.61
C TYR C 98 21.16 16.19 13.27
N PHE C 99 21.69 15.64 12.17
CA PHE C 99 21.17 15.93 10.83
C PHE C 99 20.48 14.69 10.29
N PRO C 100 19.17 14.69 10.11
CA PRO C 100 18.55 13.45 9.65
C PRO C 100 18.69 13.27 8.14
N ALA C 101 19.84 12.76 7.72
CA ALA C 101 20.21 12.73 6.31
C ALA C 101 19.19 11.94 5.47
N PHE C 102 18.85 10.71 5.88
CA PHE C 102 17.92 9.86 5.13
C PHE C 102 16.71 9.55 5.99
N VAL C 103 15.53 9.93 5.51
CA VAL C 103 14.29 9.66 6.23
C VAL C 103 13.28 9.13 5.23
N TRP C 104 12.55 8.09 5.63
CA TRP C 104 11.43 7.57 4.86
C TRP C 104 10.20 7.58 5.75
N VAL C 105 9.09 8.08 5.23
CA VAL C 105 7.85 8.22 5.97
C VAL C 105 6.73 7.69 5.08
N ASP C 106 5.57 7.37 5.66
CA ASP C 106 4.51 6.79 4.85
C ASP C 106 3.29 7.70 4.69
N LYS C 107 3.44 8.97 4.95
CA LYS C 107 2.37 9.93 4.70
C LYS C 107 3.01 11.16 4.11
N GLU C 108 2.48 11.63 2.99
CA GLU C 108 3.14 12.73 2.29
C GLU C 108 2.94 14.06 3.00
N TRP C 109 1.91 14.22 3.83
CA TRP C 109 1.83 15.45 4.62
C TRP C 109 2.98 15.54 5.61
N SER C 110 3.47 14.39 6.08
CA SER C 110 4.66 14.42 6.93
C SER C 110 5.92 14.60 6.08
N LEU C 111 5.94 14.05 4.86
CA LEU C 111 7.04 14.32 3.96
C LEU C 111 7.18 15.82 3.68
N ILE C 112 6.07 16.47 3.31
CA ILE C 112 6.16 17.85 2.91
C ILE C 112 6.41 18.73 4.11
N ARG C 113 5.70 18.50 5.22
CA ARG C 113 6.03 19.23 6.43
C ARG C 113 7.52 19.08 6.77
N GLY C 114 8.04 17.86 6.64
CA GLY C 114 9.46 17.63 6.83
C GLY C 114 10.32 18.46 5.89
N TRP C 115 10.04 18.39 4.58
CA TRP C 115 10.85 19.14 3.63
C TRP C 115 10.81 20.63 3.94
N LEU C 116 9.65 21.14 4.29
CA LEU C 116 9.51 22.57 4.54
C LEU C 116 10.37 23.02 5.70
N ASN C 117 10.61 22.13 6.66
CA ASN C 117 11.47 22.38 7.81
C ASN C 117 12.85 21.74 7.67
N GLY C 118 13.24 21.37 6.45
CA GLY C 118 14.58 20.91 6.16
C GLY C 118 14.89 19.46 6.48
N TYR C 119 13.85 18.63 6.68
CA TYR C 119 14.02 17.18 6.86
C TYR C 119 14.00 16.50 5.51
N PRO C 120 15.07 15.86 5.08
CA PRO C 120 15.03 15.16 3.78
C PRO C 120 14.25 13.85 3.92
N LYS C 121 13.05 13.80 3.29
CA LYS C 121 12.18 12.63 3.42
C LYS C 121 11.75 12.07 2.08
N LYS C 122 11.70 10.75 2.01
CA LYS C 122 11.06 10.04 0.92
C LYS C 122 9.88 9.28 1.47
N ILE C 123 9.07 8.73 0.56
CA ILE C 123 7.97 7.86 0.95
C ILE C 123 8.46 6.43 0.92
N GLY C 124 8.23 5.71 2.00
CA GLY C 124 8.46 4.28 2.06
C GLY C 124 7.35 3.58 2.81
N ALA C 125 7.53 2.28 2.96
CA ALA C 125 6.67 1.48 3.79
C ALA C 125 7.43 1.15 5.09
N ILE C 126 6.86 1.48 6.23
CA ILE C 126 7.59 1.38 7.49
C ILE C 126 6.69 0.70 8.50
N THR C 127 7.24 -0.30 9.20
CA THR C 127 6.54 -0.97 10.30
C THR C 127 7.39 -0.97 11.55
N LEU C 128 6.77 -0.56 12.66
CA LEU C 128 7.31 -0.72 14.01
C LEU C 128 6.42 -1.73 14.70
N ALA C 129 7.01 -2.82 15.18
CA ALA C 129 6.27 -3.80 15.95
C ALA C 129 6.82 -3.81 17.37
N ARG C 130 5.96 -3.52 18.34
CA ARG C 130 6.26 -3.67 19.74
C ARG C 130 5.22 -4.56 20.39
N PRO C 131 5.59 -5.31 21.43
CA PRO C 131 4.63 -6.22 22.09
C PRO C 131 3.51 -5.42 22.74
N HIS C 132 2.30 -5.79 22.45
CA HIS C 132 1.18 -5.06 23.05
C HIS C 132 1.06 -5.48 24.51
N PRO C 133 0.91 -4.53 25.44
CA PRO C 133 0.86 -4.90 26.88
C PRO C 133 -0.24 -5.89 27.24
N TYR C 134 -1.34 -5.92 26.52
CA TYR C 134 -2.41 -6.89 26.82
C TYR C 134 -2.18 -8.23 26.16
N ASN C 135 -1.10 -8.39 25.42
CA ASN C 135 -0.84 -9.69 24.78
C ASN C 135 -0.50 -10.69 25.88
N PRO C 136 -1.31 -11.73 26.08
CA PRO C 136 -1.07 -12.64 27.21
C PRO C 136 0.08 -13.59 26.97
N VAL C 137 0.55 -13.74 25.73
CA VAL C 137 1.70 -14.62 25.50
C VAL C 137 2.99 -13.93 25.91
N THR C 138 3.08 -12.64 25.65
CA THR C 138 4.33 -11.92 25.86
C THR C 138 4.25 -10.87 26.93
N GLY C 139 3.07 -10.37 27.21
CA GLY C 139 3.05 -9.14 27.93
C GLY C 139 3.67 -8.08 27.04
N GLY C 140 3.88 -6.94 27.65
CA GLY C 140 4.44 -5.79 27.00
C GLY C 140 5.94 -5.72 27.14
N LEU C 141 6.45 -4.50 27.19
CA LEU C 141 7.87 -4.30 27.35
C LEU C 141 8.34 -4.70 28.75
N ARG C 142 9.38 -5.50 28.79
CA ARG C 142 9.98 -6.08 29.98
C ARG C 142 11.28 -6.73 29.52
N GLU C 143 12.06 -7.18 30.49
CA GLU C 143 13.25 -7.97 30.18
C GLU C 143 12.83 -9.18 29.35
N GLY C 144 13.54 -9.40 28.25
CA GLY C 144 13.24 -10.49 27.33
C GLY C 144 12.29 -10.14 26.22
N ALA C 145 11.61 -8.99 26.29
CA ALA C 145 10.76 -8.58 25.19
C ALA C 145 11.59 -8.28 23.96
N VAL C 146 10.96 -8.43 22.77
CA VAL C 146 11.62 -8.09 21.51
C VAL C 146 10.82 -6.99 20.80
N VAL C 147 11.54 -6.10 20.11
CA VAL C 147 10.94 -5.02 19.34
C VAL C 147 11.56 -5.08 17.93
N GLY C 148 10.78 -4.81 16.91
CA GLY C 148 11.29 -4.86 15.53
C GLY C 148 10.80 -3.72 14.66
N GLY C 149 11.66 -3.32 13.73
CA GLY C 149 11.30 -2.32 12.75
C GLY C 149 11.91 -2.63 11.40
N ILE C 150 11.21 -2.21 10.35
CA ILE C 150 11.69 -2.43 8.97
C ILE C 150 11.17 -1.31 8.11
N CYS C 151 11.95 -0.95 7.09
CA CYS C 151 11.46 0.00 6.12
C CYS C 151 11.94 -0.43 4.72
N ALA C 152 11.11 -0.10 3.72
CA ALA C 152 11.35 -0.52 2.33
C ALA C 152 10.80 0.55 1.42
N ARG C 153 11.35 0.60 0.20
CA ARG C 153 10.91 1.52 -0.83
C ARG C 153 11.21 0.90 -2.20
N HIS C 154 10.26 1.03 -3.12
CA HIS C 154 10.44 0.58 -4.51
C HIS C 154 10.74 -0.92 -4.57
N GLY C 155 10.33 -1.66 -3.54
CA GLY C 155 10.58 -3.10 -3.43
C GLY C 155 11.89 -3.48 -2.77
N PHE C 156 12.73 -2.51 -2.41
CA PHE C 156 14.02 -2.76 -1.82
C PHE C 156 13.91 -2.57 -0.31
N THR C 157 14.35 -3.58 0.43
CA THR C 157 14.55 -3.40 1.85
C THR C 157 15.58 -2.31 2.09
N LEU C 158 15.23 -1.33 2.92
CA LEU C 158 16.19 -0.26 3.21
C LEU C 158 17.02 -0.60 4.45
N PHE C 159 16.36 -0.80 5.59
CA PHE C 159 17.05 -1.39 6.72
C PHE C 159 16.05 -2.04 7.66
N ARG C 160 16.61 -2.92 8.47
CA ARG C 160 15.92 -3.63 9.53
C ARG C 160 16.60 -3.28 10.83
N LEU C 161 15.79 -3.12 11.89
CA LEU C 161 16.25 -2.80 13.23
C LEU C 161 15.56 -3.74 14.20
N GLY C 162 16.24 -4.02 15.31
CA GLY C 162 15.60 -4.83 16.34
C GLY C 162 16.27 -4.58 17.67
N LEU C 163 15.55 -5.01 18.71
CA LEU C 163 16.01 -4.87 20.08
C LEU C 163 15.53 -6.06 20.89
N THR C 164 16.41 -6.66 21.67
CA THR C 164 16.00 -7.59 22.70
C THR C 164 16.17 -6.85 24.02
N VAL C 165 15.07 -6.56 24.72
CA VAL C 165 15.11 -5.70 25.91
C VAL C 165 15.85 -6.41 27.03
N THR C 166 16.76 -5.71 27.68
CA THR C 166 17.47 -6.31 28.81
C THR C 166 17.13 -5.70 30.16
N ARG C 167 16.71 -4.44 30.22
CA ARG C 167 16.41 -3.78 31.49
C ARG C 167 15.65 -2.50 31.19
N ALA C 168 14.90 -2.03 32.19
CA ALA C 168 14.37 -0.68 32.12
C ALA C 168 15.51 0.32 31.96
N GLY C 169 15.24 1.44 31.31
CA GLY C 169 16.28 2.42 31.06
C GLY C 169 15.86 3.80 31.51
N ASP C 170 16.73 4.76 31.22
CA ASP C 170 16.54 6.16 31.61
C ASP C 170 17.27 7.01 30.58
N ALA C 171 17.28 8.33 30.81
CA ALA C 171 17.82 9.26 29.82
C ALA C 171 19.30 9.02 29.55
N GLY C 172 20.01 8.38 30.47
CA GLY C 172 21.37 7.94 30.20
C GLY C 172 21.48 7.06 28.97
N ASP C 173 20.41 6.36 28.62
CA ASP C 173 20.41 5.45 27.48
C ASP C 173 20.11 6.13 26.14
N LEU C 174 19.61 7.36 26.15
CA LEU C 174 19.39 8.15 24.95
C LEU C 174 20.56 9.11 24.75
N ARG C 175 21.09 9.18 23.53
CA ARG C 175 22.27 10.00 23.27
C ARG C 175 21.71 11.31 22.72
N SER C 176 21.21 12.12 23.66
CA SER C 176 20.48 13.34 23.36
C SER C 176 21.43 14.46 22.95
N ARG C 177 21.08 15.11 21.84
CA ARG C 177 21.78 16.29 21.34
C ARG C 177 20.72 17.35 21.10
N PRO C 178 20.87 18.55 21.67
CA PRO C 178 19.70 19.47 21.74
C PRO C 178 19.17 19.90 20.39
N ALA C 179 20.00 20.10 19.38
CA ALA C 179 19.52 20.67 18.13
C ALA C 179 19.17 19.58 17.13
N THR C 180 18.15 19.85 16.32
CA THR C 180 17.95 19.11 15.08
C THR C 180 18.17 20.09 13.94
N PHE C 181 19.18 19.81 13.11
CA PHE C 181 19.53 20.68 11.98
C PHE C 181 18.92 20.12 10.70
N GLY C 182 18.44 21.03 9.85
CA GLY C 182 17.82 20.65 8.61
C GLY C 182 18.40 21.41 7.42
N HIS C 183 18.16 20.87 6.24
CA HIS C 183 18.58 21.54 5.03
C HIS C 183 17.30 21.82 4.25
N ARG C 184 16.77 23.02 4.40
CA ARG C 184 15.57 23.40 3.65
C ARG C 184 16.00 23.69 2.22
N HIS C 185 15.60 22.83 1.29
CA HIS C 185 16.16 22.82 -0.06
C HIS C 185 15.04 22.69 -1.09
N TRP C 186 15.04 23.59 -2.08
CA TRP C 186 14.00 23.62 -3.10
C TRP C 186 14.67 24.03 -4.41
N PRO C 187 15.22 23.08 -5.16
CA PRO C 187 16.07 23.44 -6.30
C PRO C 187 15.30 23.93 -7.51
N ALA C 188 16.03 24.58 -8.41
CA ALA C 188 15.49 25.05 -9.66
C ALA C 188 15.69 23.98 -10.72
N LEU C 189 14.59 23.64 -11.41
CA LEU C 189 14.66 22.75 -12.57
C LEU C 189 14.75 23.52 -13.87
N HIS C 190 14.66 24.85 -13.82
CA HIS C 190 14.86 25.70 -14.98
C HIS C 190 15.65 26.88 -14.46
N PRO C 191 16.61 27.39 -15.24
CA PRO C 191 17.44 28.50 -14.74
C PRO C 191 16.63 29.72 -14.31
N THR C 192 15.40 29.87 -14.79
CA THR C 192 14.59 31.02 -14.40
C THR C 192 13.88 30.81 -13.09
N GLN C 193 13.87 29.59 -12.55
CA GLN C 193 13.19 29.33 -11.29
C GLN C 193 14.05 29.84 -10.13
N THR C 194 13.37 30.17 -9.03
CA THR C 194 13.98 30.70 -7.82
C THR C 194 14.37 29.54 -6.90
N PRO C 195 15.65 29.30 -6.64
CA PRO C 195 16.00 28.17 -5.77
C PRO C 195 16.03 28.60 -4.29
N VAL C 196 15.95 27.60 -3.43
CA VAL C 196 16.10 27.76 -2.00
C VAL C 196 17.09 26.72 -1.52
N SER C 197 18.03 27.15 -0.67
CA SER C 197 18.95 26.25 -0.01
C SER C 197 19.42 26.92 1.27
N GLU C 198 18.93 26.46 2.40
CA GLU C 198 19.28 27.14 3.65
C GLU C 198 19.27 26.13 4.78
N LEU C 199 20.22 26.30 5.69
CA LEU C 199 20.29 25.52 6.92
C LEU C 199 19.29 26.04 7.93
N VAL C 200 18.59 25.13 8.59
CA VAL C 200 17.60 25.51 9.57
C VAL C 200 17.85 24.69 10.83
N GLU C 201 17.24 25.15 11.90
CA GLU C 201 17.37 24.51 13.18
C GLU C 201 15.95 24.35 13.66
N VAL C 202 15.62 23.14 14.06
CA VAL C 202 14.33 22.84 14.61
C VAL C 202 14.54 22.85 16.11
N ASN C 203 13.78 23.68 16.78
CA ASN C 203 13.68 23.54 18.22
C ASN C 203 12.28 23.05 18.54
N ARG C 204 12.22 22.02 19.36
CA ARG C 204 10.96 21.50 19.82
C ARG C 204 10.80 21.92 21.26
N SER C 205 9.62 22.38 21.55
CA SER C 205 9.28 22.73 22.92
C SER C 205 8.52 21.54 23.52
N ASP C 206 8.48 21.55 24.85
CA ASP C 206 7.65 20.61 25.61
C ASP C 206 8.07 19.16 25.40
N LEU C 207 9.38 18.94 25.32
CA LEU C 207 9.88 17.59 25.05
C LEU C 207 9.70 16.76 26.32
N ARG C 208 9.12 15.57 26.18
CA ARG C 208 8.96 14.59 27.27
C ARG C 208 9.37 13.25 26.70
N VAL C 209 10.20 12.50 27.46
CA VAL C 209 10.62 11.15 27.09
C VAL C 209 10.34 10.21 28.23
N GLY C 210 9.91 8.99 27.92
CA GLY C 210 9.65 8.08 29.02
C GLY C 210 9.42 6.68 28.52
N ASP C 211 9.10 5.80 29.46
CA ASP C 211 8.88 4.38 29.17
C ASP C 211 10.04 3.84 28.34
N ILE C 212 11.24 4.02 28.91
CA ILE C 212 12.50 3.72 28.23
C ILE C 212 12.95 2.32 28.63
N TRP C 213 13.32 1.53 27.63
CA TRP C 213 13.86 0.19 27.80
C TRP C 213 15.10 0.05 26.94
N ALA C 214 16.14 -0.50 27.51
CA ALA C 214 17.39 -0.70 26.81
C ALA C 214 17.56 -2.19 26.51
N GLY C 215 18.44 -2.50 25.57
CA GLY C 215 18.63 -3.90 25.26
C GLY C 215 19.65 -4.11 24.17
N GLU C 216 19.67 -5.35 23.67
CA GLU C 216 20.67 -5.78 22.71
C GLU C 216 20.15 -5.43 21.32
N PRO C 217 20.82 -4.55 20.59
CA PRO C 217 20.28 -4.09 19.32
C PRO C 217 20.72 -4.97 18.17
N PHE C 218 20.02 -4.81 17.06
CA PHE C 218 20.59 -5.32 15.82
C PHE C 218 20.13 -4.38 14.72
N ILE C 219 20.95 -4.26 13.70
CA ILE C 219 20.63 -3.49 12.52
C ILE C 219 21.17 -4.24 11.31
N GLU C 220 20.43 -4.16 10.20
CA GLU C 220 20.89 -4.76 8.95
C GLU C 220 20.52 -3.80 7.83
N LEU C 221 21.53 -3.25 7.18
CA LEU C 221 21.31 -2.34 6.08
C LEU C 221 21.05 -3.10 4.80
N GLY C 222 20.13 -2.57 4.00
CA GLY C 222 19.89 -3.05 2.67
C GLY C 222 20.67 -2.25 1.64
N SER C 223 20.19 -2.31 0.41
CA SER C 223 20.82 -1.56 -0.67
C SER C 223 19.77 -1.31 -1.74
N ALA C 224 19.81 -0.16 -2.40
CA ALA C 224 18.87 0.12 -3.46
C ALA C 224 19.56 0.94 -4.53
N PRO C 225 19.18 0.77 -5.80
CA PRO C 225 19.84 1.54 -6.87
C PRO C 225 19.61 3.03 -6.76
N ASP C 226 18.56 3.49 -6.06
CA ASP C 226 18.27 4.92 -5.94
C ASP C 226 18.44 5.43 -4.49
N GLU C 227 19.26 4.76 -3.70
CA GLU C 227 19.57 5.17 -2.32
C GLU C 227 21.08 5.09 -2.15
N ALA C 228 21.58 5.57 -1.00
CA ALA C 228 23.01 5.55 -0.71
C ALA C 228 23.24 4.93 0.65
N LEU C 229 22.61 3.78 0.87
CA LEU C 229 22.67 3.16 2.19
C LEU C 229 24.08 2.74 2.56
N GLU C 230 24.92 2.49 1.56
CA GLU C 230 26.28 2.08 1.82
C GLU C 230 27.05 3.10 2.64
N CYS C 231 26.63 4.36 2.62
CA CYS C 231 27.31 5.36 3.42
C CYS C 231 27.31 5.03 4.90
N PHE C 232 26.37 4.21 5.35
CA PHE C 232 26.27 3.82 6.74
C PHE C 232 26.73 2.40 7.00
N ALA C 233 27.34 1.75 6.01
CA ALA C 233 27.50 0.29 6.02
C ALA C 233 28.58 -0.19 6.98
N ASP C 234 29.72 0.48 7.02
CA ASP C 234 30.84 -0.05 7.80
C ASP C 234 30.75 0.58 9.18
N HIS C 235 29.98 -0.04 10.06
CA HIS C 235 29.65 0.59 11.33
C HIS C 235 29.94 -0.32 12.51
N GLU C 236 29.99 0.31 13.67
CA GLU C 236 30.01 -0.38 14.94
C GLU C 236 28.65 -0.16 15.57
N VAL C 237 28.00 -1.25 15.98
CA VAL C 237 26.71 -1.16 16.65
C VAL C 237 26.98 -0.88 18.12
N LEU C 238 26.46 0.24 18.63
CA LEU C 238 26.77 0.71 19.97
C LEU C 238 25.73 0.34 21.04
N ALA C 239 24.46 0.60 20.79
CA ALA C 239 23.44 0.41 21.82
C ALA C 239 22.09 0.42 21.15
N GLY C 240 21.09 -0.09 21.87
CA GLY C 240 19.70 -0.03 21.41
C GLY C 240 18.78 0.35 22.54
N VAL C 241 17.70 1.04 22.19
CA VAL C 241 16.72 1.50 23.16
C VAL C 241 15.39 1.62 22.46
N THR C 242 14.33 1.42 23.23
CA THR C 242 12.98 1.72 22.76
C THR C 242 12.32 2.60 23.81
N TYR C 243 11.49 3.56 23.37
CA TYR C 243 10.95 4.54 24.30
C TYR C 243 9.81 5.29 23.63
N SER C 244 9.10 6.07 24.44
CA SER C 244 8.08 7.00 23.96
C SER C 244 8.47 8.46 24.22
N TYR C 245 8.04 9.36 23.34
CA TYR C 245 8.45 10.76 23.46
C TYR C 245 7.37 11.63 22.83
N GLY C 246 7.24 12.81 23.39
CA GLY C 246 6.31 13.82 22.88
C GLY C 246 6.98 15.18 22.87
N PHE C 247 6.54 16.01 21.92
CA PHE C 247 7.07 17.36 21.71
C PHE C 247 6.12 18.19 20.87
N ARG C 248 6.42 19.49 20.81
CA ARG C 248 5.76 20.45 19.93
C ARG C 248 6.83 21.07 19.04
N ILE C 249 6.47 21.33 17.79
CA ILE C 249 7.36 21.97 16.83
C ILE C 249 6.55 23.01 16.09
N GLY C 250 7.19 24.15 15.80
CA GLY C 250 6.68 25.16 14.90
C GLY C 250 7.50 25.08 13.62
N GLY C 251 7.76 26.14 12.96
CA GLY C 251 8.70 26.09 11.87
C GLY C 251 10.13 26.01 12.38
N ALA C 252 11.03 25.61 11.50
CA ALA C 252 12.45 25.63 11.79
C ALA C 252 12.99 27.02 11.50
N THR C 253 13.83 27.53 12.39
CA THR C 253 14.41 28.85 12.19
C THR C 253 15.55 28.79 11.18
N ARG C 254 15.56 29.74 10.26
CA ARG C 254 16.64 29.80 9.28
C ARG C 254 17.95 30.19 9.97
N LEU C 255 19.02 29.43 9.73
CA LEU C 255 20.32 29.79 10.28
C LEU C 255 21.19 30.55 9.29
N GLU C 256 21.33 30.04 8.07
CA GLU C 256 22.15 30.69 7.05
C GLU C 256 21.85 30.06 5.70
N SER C 257 22.12 30.81 4.65
CA SER C 257 22.08 30.28 3.29
C SER C 257 23.24 29.32 3.05
N LEU C 258 23.07 28.44 2.05
CA LEU C 258 24.17 27.58 1.62
C LEU C 258 24.81 28.07 0.33
N ALA D 1 23.17 13.58 -12.11
CA ALA D 1 22.46 14.86 -12.21
C ALA D 1 21.33 15.02 -11.18
N GLY D 2 21.34 14.23 -10.10
CA GLY D 2 20.33 14.36 -9.07
C GLY D 2 20.35 15.75 -8.42
N ALA D 3 19.19 16.38 -8.23
CA ALA D 3 19.11 17.77 -7.79
C ALA D 3 18.36 17.97 -6.48
N THR D 4 17.78 16.94 -5.91
CA THR D 4 17.00 17.07 -4.66
C THR D 4 17.54 16.17 -3.58
N HIS D 5 16.91 16.29 -2.41
CA HIS D 5 17.03 15.27 -1.38
C HIS D 5 16.86 13.88 -2.00
N PHE D 6 17.65 12.90 -1.57
CA PHE D 6 18.79 13.04 -0.66
C PHE D 6 19.99 13.52 -1.46
N LEU D 7 20.59 14.64 -1.07
CA LEU D 7 21.77 15.14 -1.77
C LEU D 7 23.02 14.44 -1.26
N THR D 8 23.77 13.84 -2.17
CA THR D 8 25.06 13.22 -1.91
C THR D 8 25.96 13.62 -3.09
N PRO D 9 27.27 13.41 -3.01
CA PRO D 9 28.14 13.82 -4.13
C PRO D 9 27.86 13.05 -5.42
N THR D 10 27.50 11.78 -5.30
CA THR D 10 27.19 10.95 -6.47
C THR D 10 25.86 11.35 -7.12
N GLY D 11 24.89 11.84 -6.34
CA GLY D 11 23.57 12.10 -6.87
C GLY D 11 22.68 10.86 -7.07
N GLN D 12 23.19 9.68 -6.75
CA GLN D 12 22.42 8.43 -6.89
C GLN D 12 21.13 8.43 -6.08
N ALA D 13 21.05 9.19 -4.98
CA ALA D 13 19.94 9.06 -4.04
C ALA D 13 18.95 10.22 -4.13
N SER D 14 19.08 11.08 -5.15
CA SER D 14 18.14 12.18 -5.34
C SER D 14 16.85 11.67 -5.95
N LEU D 15 15.74 12.26 -5.51
CA LEU D 15 14.46 11.88 -6.08
C LEU D 15 14.34 12.29 -7.53
N VAL D 16 14.78 13.51 -7.88
CA VAL D 16 14.65 14.00 -9.25
C VAL D 16 15.99 14.48 -9.77
N ASP D 17 16.18 14.30 -11.07
CA ASP D 17 17.34 14.77 -11.82
C ASP D 17 17.06 16.13 -12.43
N ASP D 18 18.12 16.92 -12.58
CA ASP D 18 18.09 18.12 -13.39
C ASP D 18 18.38 17.70 -14.82
N ALA D 19 17.37 17.13 -15.48
CA ALA D 19 17.55 16.46 -16.76
C ALA D 19 16.22 16.46 -17.49
N LEU D 20 16.27 16.28 -18.80
CA LEU D 20 15.03 16.11 -19.55
C LEU D 20 14.44 14.73 -19.25
N TYR D 21 13.11 14.68 -19.09
CA TYR D 21 12.42 13.42 -18.88
C TYR D 21 11.51 13.17 -20.08
N GLY D 22 11.23 11.90 -20.35
CA GLY D 22 10.19 11.53 -21.31
C GLY D 22 9.10 10.72 -20.66
N TRP D 23 7.88 10.87 -21.18
CA TRP D 23 6.72 10.15 -20.68
C TRP D 23 6.01 9.41 -21.80
N GLY D 24 5.54 8.21 -21.54
CA GLY D 24 4.44 7.64 -22.28
C GLY D 24 3.34 7.31 -21.28
N ALA D 25 2.09 7.38 -21.74
CA ALA D 25 0.98 7.21 -20.81
C ALA D 25 -0.26 6.72 -21.56
N ASP D 26 -1.08 5.96 -20.85
CA ASP D 26 -2.45 5.69 -21.23
C ASP D 26 -3.41 6.43 -20.31
N MET D 27 -4.44 7.03 -20.92
CA MET D 27 -5.30 8.01 -20.27
C MET D 27 -6.79 7.70 -20.42
N LEU D 28 -7.52 7.94 -19.34
CA LEU D 28 -8.98 8.05 -19.34
C LEU D 28 -9.33 9.47 -18.94
N THR D 29 -10.06 10.18 -19.81
CA THR D 29 -10.36 11.59 -19.60
C THR D 29 -11.85 11.82 -19.80
N VAL D 30 -12.42 12.58 -18.87
CA VAL D 30 -13.79 13.06 -18.92
C VAL D 30 -13.77 14.56 -18.87
N TYR D 31 -14.39 15.21 -19.87
CA TYR D 31 -14.53 16.65 -19.86
C TYR D 31 -15.85 17.07 -19.20
N LEU D 32 -15.79 18.16 -18.44
CA LEU D 32 -16.87 18.66 -17.60
C LEU D 32 -16.96 20.17 -17.77
N ARG D 33 -18.09 20.73 -17.35
CA ARG D 33 -18.25 22.17 -17.23
C ARG D 33 -18.80 22.48 -15.84
N CYS D 34 -18.09 23.31 -15.09
CA CYS D 34 -18.52 23.81 -13.80
C CYS D 34 -18.75 25.30 -13.87
N ASP D 35 -19.26 25.84 -12.79
CA ASP D 35 -19.43 27.27 -12.69
C ASP D 35 -18.07 27.95 -12.78
N PRO D 36 -17.82 28.78 -13.80
CA PRO D 36 -16.48 29.41 -13.92
C PRO D 36 -16.07 30.20 -12.67
N ALA D 37 -17.02 30.77 -11.93
CA ALA D 37 -16.65 31.59 -10.78
C ALA D 37 -16.05 30.76 -9.66
N ARG D 38 -16.59 29.57 -9.43
CA ARG D 38 -16.03 28.67 -8.44
C ARG D 38 -14.63 28.23 -8.83
N LEU D 39 -14.40 27.92 -10.10
CA LEU D 39 -13.07 27.48 -10.49
C LEU D 39 -12.05 28.60 -10.34
N GLN D 40 -12.44 29.85 -10.59
CA GLN D 40 -11.49 30.96 -10.49
C GLN D 40 -10.87 31.03 -9.10
N ALA D 41 -11.66 30.73 -8.07
CA ALA D 41 -11.14 30.73 -6.71
C ALA D 41 -10.00 29.75 -6.52
N LEU D 42 -9.95 28.69 -7.33
CA LEU D 42 -8.86 27.71 -7.24
C LEU D 42 -7.63 28.09 -8.06
N LEU D 43 -7.74 29.08 -8.93
CA LEU D 43 -6.64 29.46 -9.81
C LEU D 43 -5.69 30.42 -9.10
N PRO D 44 -4.38 30.29 -9.28
CA PRO D 44 -3.46 31.29 -8.72
C PRO D 44 -3.57 32.62 -9.47
N ALA D 45 -3.15 33.67 -8.78
CA ALA D 45 -3.26 35.02 -9.33
C ALA D 45 -2.56 35.10 -10.68
N GLY D 46 -3.24 35.69 -11.66
CA GLY D 46 -2.68 35.85 -12.99
C GLY D 46 -3.24 34.90 -14.04
N LEU D 47 -3.99 33.88 -13.63
CA LEU D 47 -4.68 32.98 -14.55
C LEU D 47 -6.17 33.28 -14.52
N LYS D 48 -6.78 33.25 -15.71
CA LYS D 48 -8.19 33.57 -15.87
C LYS D 48 -8.95 32.35 -16.31
N VAL D 49 -10.02 32.02 -15.58
CA VAL D 49 -10.80 30.84 -15.92
C VAL D 49 -11.42 31.02 -17.31
N ALA D 50 -11.63 29.91 -18.01
CA ALA D 50 -12.35 29.95 -19.28
C ALA D 50 -13.83 29.80 -18.98
N ASP D 51 -14.58 29.11 -19.84
CA ASP D 51 -16.03 29.02 -19.68
C ASP D 51 -16.46 27.97 -18.66
N GLY D 52 -15.55 27.46 -17.83
CA GLY D 52 -15.87 26.40 -16.89
C GLY D 52 -15.46 25.01 -17.30
N LEU D 53 -14.92 24.85 -18.50
CA LEU D 53 -14.43 23.56 -18.92
C LEU D 53 -13.39 23.06 -17.92
N CYS D 54 -13.55 21.79 -17.52
CA CYS D 54 -12.63 21.08 -16.67
C CYS D 54 -12.35 19.76 -17.31
N MET D 55 -11.19 19.19 -16.99
CA MET D 55 -10.88 17.82 -17.39
C MET D 55 -10.53 17.04 -16.13
N ALA D 56 -11.18 15.89 -16.01
CA ALA D 56 -10.81 14.87 -15.07
C ALA D 56 -10.08 13.78 -15.82
N TYR D 57 -8.96 13.32 -15.27
CA TYR D 57 -8.31 12.18 -15.87
C TYR D 57 -7.81 11.24 -14.82
N VAL D 58 -7.71 9.99 -15.25
CA VAL D 58 -6.96 8.93 -14.58
C VAL D 58 -6.03 8.35 -15.63
N GLY D 59 -4.75 8.28 -15.31
CA GLY D 59 -3.75 7.79 -16.26
C GLY D 59 -2.73 6.89 -15.61
N ALA D 60 -2.16 6.02 -16.44
CA ALA D 60 -0.99 5.21 -16.12
C ALA D 60 0.19 5.73 -16.92
N PHE D 61 1.23 6.19 -16.22
CA PHE D 61 2.37 6.90 -16.81
C PHE D 61 3.65 6.08 -16.69
N GLN D 62 4.54 6.28 -17.65
CA GLN D 62 5.85 5.65 -17.63
C GLN D 62 6.85 6.74 -18.02
N SER D 63 7.69 7.13 -17.09
CA SER D 63 8.61 8.22 -17.31
C SER D 63 10.05 7.74 -17.23
N THR D 64 10.93 8.42 -17.98
CA THR D 64 12.32 8.05 -18.06
C THR D 64 13.16 9.32 -18.12
N SER D 65 14.21 9.33 -17.27
CA SER D 65 15.17 10.43 -17.26
C SER D 65 16.17 10.23 -18.37
N GLU D 66 16.38 11.28 -19.17
CA GLU D 66 17.46 11.20 -20.16
C GLU D 66 18.80 10.92 -19.50
N ASP D 67 18.97 11.24 -18.22
CA ASP D 67 20.25 10.95 -17.57
C ASP D 67 20.42 9.47 -17.25
N GLN D 68 19.33 8.70 -17.17
CA GLN D 68 19.38 7.26 -16.88
C GLN D 68 18.36 6.53 -17.73
N PRO D 69 18.56 6.48 -19.04
CA PRO D 69 17.52 5.91 -19.88
C PRO D 69 17.28 4.42 -19.68
N ALA D 70 18.19 3.68 -19.04
CA ALA D 70 18.02 2.24 -18.80
C ALA D 70 17.66 1.92 -17.34
N ALA D 71 17.25 2.93 -16.56
CA ALA D 71 17.01 2.73 -15.14
C ALA D 71 15.90 1.71 -14.86
N MET D 72 14.97 1.54 -15.79
CA MET D 72 13.89 0.59 -15.58
C MET D 72 14.37 -0.84 -15.36
N LEU D 73 15.53 -1.21 -15.89
CA LEU D 73 16.02 -2.57 -15.75
C LEU D 73 16.23 -2.94 -14.28
N ARG D 74 16.83 -2.04 -13.50
CA ARG D 74 17.17 -2.33 -12.12
C ARG D 74 16.20 -1.70 -11.11
N ASN D 75 15.39 -0.73 -11.53
CA ASN D 75 14.49 0.02 -10.65
C ASN D 75 13.17 0.25 -11.35
N PRO D 76 12.39 -0.81 -11.55
CA PRO D 76 11.11 -0.68 -12.27
C PRO D 76 10.11 0.21 -11.58
N ALA D 77 10.04 0.16 -10.24
CA ALA D 77 9.08 0.99 -9.54
C ALA D 77 9.39 2.48 -9.64
N GLY D 78 10.62 2.85 -9.98
CA GLY D 78 10.99 4.24 -10.27
C GLY D 78 10.68 4.72 -11.66
N ALA D 79 10.02 3.88 -12.48
CA ALA D 79 9.79 4.20 -13.89
C ALA D 79 8.31 4.26 -14.25
N VAL D 80 7.41 3.96 -13.31
CA VAL D 80 5.98 3.94 -13.59
C VAL D 80 5.24 4.60 -12.42
N TYR D 81 4.12 5.24 -12.73
CA TYR D 81 3.24 5.79 -11.70
C TYR D 81 1.85 5.96 -12.28
N ASN D 82 0.87 6.03 -11.37
CA ASN D 82 -0.50 6.35 -11.72
C ASN D 82 -0.86 7.71 -11.16
N GLU D 83 -1.77 8.37 -11.85
CA GLU D 83 -2.11 9.73 -11.49
C GLU D 83 -3.54 10.02 -11.88
N ALA D 84 -4.23 10.77 -11.04
CA ALA D 84 -5.58 11.26 -11.31
C ALA D 84 -5.57 12.76 -11.07
N ALA D 85 -6.39 13.48 -11.82
CA ALA D 85 -6.39 14.93 -11.68
C ALA D 85 -7.72 15.53 -12.06
N LEU D 86 -7.97 16.71 -11.50
CA LEU D 86 -9.03 17.61 -11.92
C LEU D 86 -8.35 18.92 -12.33
N SER D 87 -8.45 19.28 -13.61
CA SER D 87 -7.72 20.42 -14.18
C SER D 87 -8.72 21.42 -14.75
N ILE D 88 -8.33 22.69 -14.70
CA ILE D 88 -9.21 23.80 -15.04
C ILE D 88 -8.66 24.51 -16.27
N ALA D 89 -9.51 24.70 -17.28
CA ALA D 89 -9.12 25.48 -18.44
C ALA D 89 -9.04 26.96 -18.08
N CYS D 90 -7.97 27.61 -18.49
CA CYS D 90 -7.72 28.99 -18.08
C CYS D 90 -6.82 29.67 -19.09
N THR D 91 -6.52 30.96 -18.86
CA THR D 91 -5.64 31.70 -19.76
C THR D 91 -4.68 32.61 -18.99
N HIS D 92 -3.48 32.78 -19.58
CA HIS D 92 -2.51 33.79 -19.16
C HIS D 92 -2.17 34.67 -20.38
N GLY D 93 -2.72 35.88 -20.44
CA GLY D 93 -2.59 36.69 -21.65
C GLY D 93 -3.34 36.26 -22.93
N ARG D 95 -2.92 33.39 -24.07
CA ARG D 95 -2.39 32.04 -24.18
C ARG D 95 -3.24 31.01 -23.39
N GLN D 96 -3.66 29.95 -24.08
CA GLN D 96 -4.60 28.99 -23.52
C GLN D 96 -3.91 27.79 -22.88
N GLY D 97 -4.39 27.40 -21.71
CA GLY D 97 -3.77 26.27 -21.05
C GLY D 97 -4.68 25.60 -20.05
N TYR D 98 -4.09 24.68 -19.30
CA TYR D 98 -4.74 24.04 -18.17
C TYR D 98 -3.97 24.35 -16.89
N PHE D 99 -4.70 24.53 -15.82
CA PHE D 99 -4.09 24.55 -14.49
C PHE D 99 -4.55 23.29 -13.77
N PRO D 100 -3.68 22.35 -13.47
CA PRO D 100 -4.12 21.11 -12.80
C PRO D 100 -4.28 21.34 -11.29
N ALA D 101 -5.44 21.86 -10.88
CA ALA D 101 -5.61 22.31 -9.50
C ALA D 101 -5.39 21.19 -8.49
N PHE D 102 -6.03 20.04 -8.67
CA PHE D 102 -5.93 18.90 -7.74
C PHE D 102 -5.34 17.71 -8.48
N VAL D 103 -4.21 17.20 -8.00
CA VAL D 103 -3.60 16.04 -8.63
C VAL D 103 -3.20 15.06 -7.54
N TRP D 104 -3.47 13.78 -7.76
CA TRP D 104 -3.03 12.72 -6.87
C TRP D 104 -2.19 11.72 -7.65
N VAL D 105 -1.05 11.35 -7.09
CA VAL D 105 -0.12 10.46 -7.77
C VAL D 105 0.31 9.41 -6.75
N ASP D 106 0.85 8.28 -7.24
CA ASP D 106 1.20 7.25 -6.27
C ASP D 106 2.70 7.02 -6.15
N LYS D 107 3.49 7.97 -6.64
CA LYS D 107 4.93 7.89 -6.45
C LYS D 107 5.43 9.29 -6.08
N GLU D 108 6.18 9.40 -4.98
CA GLU D 108 6.58 10.71 -4.49
C GLU D 108 7.65 11.37 -5.36
N TRP D 109 8.43 10.61 -6.14
CA TRP D 109 9.31 11.29 -7.09
C TRP D 109 8.51 12.05 -8.16
N SER D 110 7.34 11.56 -8.51
CA SER D 110 6.50 12.30 -9.43
C SER D 110 5.82 13.45 -8.69
N LEU D 111 5.49 13.23 -7.43
CA LEU D 111 4.98 14.33 -6.61
C LEU D 111 5.96 15.48 -6.55
N ILE D 112 7.22 15.19 -6.22
CA ILE D 112 8.18 16.28 -6.03
C ILE D 112 8.56 16.91 -7.38
N ARG D 113 8.83 16.09 -8.39
CA ARG D 113 9.07 16.66 -9.71
C ARG D 113 7.92 17.56 -10.10
N GLY D 114 6.69 17.11 -9.84
CA GLY D 114 5.53 17.96 -10.07
C GLY D 114 5.58 19.26 -9.30
N TRP D 115 5.81 19.19 -7.97
CA TRP D 115 5.82 20.42 -7.17
C TRP D 115 6.88 21.38 -7.66
N LEU D 116 8.06 20.88 -8.04
CA LEU D 116 9.14 21.76 -8.46
C LEU D 116 8.76 22.55 -9.71
N ASN D 117 7.89 22.00 -10.55
CA ASN D 117 7.38 22.66 -11.75
C ASN D 117 5.97 23.21 -11.54
N GLY D 118 5.53 23.34 -10.30
CA GLY D 118 4.27 24.00 -10.01
C GLY D 118 3.02 23.16 -10.17
N TYR D 119 3.15 21.82 -10.22
CA TYR D 119 2.00 20.91 -10.23
C TYR D 119 1.58 20.61 -8.80
N PRO D 120 0.40 20.98 -8.40
CA PRO D 120 -0.03 20.64 -7.03
C PRO D 120 -0.41 19.17 -6.96
N LYS D 121 0.38 18.38 -6.24
CA LYS D 121 0.14 16.94 -6.14
C LYS D 121 0.10 16.48 -4.69
N LYS D 122 -0.80 15.54 -4.44
CA LYS D 122 -0.82 14.76 -3.22
C LYS D 122 -0.57 13.29 -3.58
N ILE D 123 -0.35 12.45 -2.57
CA ILE D 123 -0.23 11.01 -2.75
C ILE D 123 -1.60 10.39 -2.54
N GLY D 124 -2.01 9.56 -3.49
CA GLY D 124 -3.20 8.75 -3.36
C GLY D 124 -2.97 7.35 -3.89
N ALA D 125 -4.04 6.58 -3.88
CA ALA D 125 -4.07 5.29 -4.53
C ALA D 125 -4.90 5.46 -5.80
N ILE D 126 -4.34 5.09 -6.97
CA ILE D 126 -4.98 5.38 -8.25
C ILE D 126 -4.90 4.12 -9.10
N THR D 127 -6.03 3.74 -9.70
CA THR D 127 -6.08 2.61 -10.61
C THR D 127 -6.72 3.04 -11.91
N LEU D 128 -6.07 2.73 -13.02
CA LEU D 128 -6.65 2.82 -14.36
C LEU D 128 -6.81 1.40 -14.83
N ALA D 129 -8.03 1.01 -15.19
CA ALA D 129 -8.31 -0.31 -15.75
C ALA D 129 -8.79 -0.14 -17.20
N ARG D 130 -8.06 -0.76 -18.13
CA ARG D 130 -8.41 -0.89 -19.55
C ARG D 130 -8.46 -2.35 -19.94
N PRO D 131 -9.33 -2.73 -20.87
CA PRO D 131 -9.38 -4.14 -21.31
C PRO D 131 -8.06 -4.50 -22.00
N HIS D 132 -7.43 -5.61 -21.55
CA HIS D 132 -6.17 -5.99 -22.15
C HIS D 132 -6.45 -6.58 -23.53
N PRO D 133 -5.72 -6.18 -24.58
CA PRO D 133 -6.05 -6.69 -25.94
C PRO D 133 -6.00 -8.20 -26.07
N TYR D 134 -5.20 -8.91 -25.29
CA TYR D 134 -5.16 -10.38 -25.33
C TYR D 134 -6.22 -11.03 -24.47
N ASN D 135 -7.05 -10.26 -23.78
CA ASN D 135 -8.10 -10.83 -22.95
C ASN D 135 -9.12 -11.44 -23.90
N PRO D 136 -9.32 -12.77 -23.89
CA PRO D 136 -10.21 -13.38 -24.89
C PRO D 136 -11.66 -13.14 -24.61
N VAL D 137 -12.03 -12.71 -23.42
CA VAL D 137 -13.44 -12.43 -23.16
C VAL D 137 -13.85 -11.11 -23.76
N THR D 138 -12.99 -10.10 -23.72
CA THR D 138 -13.37 -8.77 -24.15
C THR D 138 -12.60 -8.28 -25.37
N GLY D 139 -11.40 -8.79 -25.61
CA GLY D 139 -10.55 -8.07 -26.48
C GLY D 139 -10.18 -6.76 -25.78
N GLY D 140 -9.55 -5.93 -26.55
CA GLY D 140 -9.10 -4.62 -26.14
C GLY D 140 -10.12 -3.54 -26.43
N LEU D 141 -9.61 -2.36 -26.72
CA LEU D 141 -10.47 -1.22 -27.02
C LEU D 141 -11.21 -1.39 -28.36
N ARG D 142 -12.51 -1.19 -28.30
CA ARG D 142 -13.41 -1.35 -29.44
C ARG D 142 -14.75 -0.80 -28.98
N GLU D 143 -15.68 -0.69 -29.91
CA GLU D 143 -17.05 -0.35 -29.56
C GLU D 143 -17.58 -1.34 -28.54
N GLY D 144 -18.15 -0.82 -27.45
CA GLY D 144 -18.66 -1.62 -26.38
C GLY D 144 -17.67 -1.89 -25.29
N ALA D 145 -16.38 -1.62 -25.50
CA ALA D 145 -15.42 -1.77 -24.42
C ALA D 145 -15.72 -0.75 -23.33
N VAL D 146 -15.33 -1.09 -22.11
CA VAL D 146 -15.46 -0.21 -20.94
C VAL D 146 -14.08 0.05 -20.34
N VAL D 147 -13.89 1.27 -19.85
CA VAL D 147 -12.65 1.68 -19.20
C VAL D 147 -13.05 2.30 -17.85
N GLY D 148 -12.25 2.07 -16.84
CA GLY D 148 -12.56 2.58 -15.51
C GLY D 148 -11.36 3.16 -14.80
N GLY D 149 -11.61 4.18 -13.98
CA GLY D 149 -10.57 4.76 -13.14
C GLY D 149 -11.11 5.16 -11.78
N ILE D 150 -10.24 5.11 -10.78
CA ILE D 150 -10.65 5.50 -9.43
C ILE D 150 -9.44 6.01 -8.68
N CYS D 151 -9.66 6.96 -7.78
CA CYS D 151 -8.59 7.39 -6.91
C CYS D 151 -9.14 7.62 -5.51
N ALA D 152 -8.29 7.41 -4.52
CA ALA D 152 -8.69 7.48 -3.13
C ALA D 152 -7.51 7.95 -2.31
N ARG D 153 -7.80 8.55 -1.14
CA ARG D 153 -6.75 8.98 -0.24
C ARG D 153 -7.30 8.96 1.17
N HIS D 154 -6.48 8.50 2.13
CA HIS D 154 -6.84 8.51 3.57
C HIS D 154 -8.11 7.71 3.86
N GLY D 155 -8.43 6.74 3.02
CA GLY D 155 -9.63 5.97 3.15
C GLY D 155 -10.85 6.56 2.44
N PHE D 156 -10.72 7.74 1.84
CA PHE D 156 -11.83 8.43 1.16
C PHE D 156 -11.74 8.22 -0.35
N THR D 157 -12.83 7.78 -0.95
CA THR D 157 -12.95 7.83 -2.40
C THR D 157 -12.87 9.28 -2.87
N LEU D 158 -11.98 9.57 -3.81
CA LEU D 158 -11.90 10.96 -4.31
C LEU D 158 -12.79 11.15 -5.53
N PHE D 159 -12.55 10.38 -6.59
CA PHE D 159 -13.53 10.32 -7.66
C PHE D 159 -13.37 9.03 -8.45
N ARG D 160 -14.43 8.71 -9.15
CA ARG D 160 -14.48 7.56 -10.05
C ARG D 160 -14.77 8.09 -11.44
N LEU D 161 -14.14 7.49 -12.47
CA LEU D 161 -14.36 7.84 -13.86
C LEU D 161 -14.56 6.57 -14.66
N GLY D 162 -15.31 6.69 -15.76
CA GLY D 162 -15.51 5.55 -16.65
C GLY D 162 -15.89 6.02 -18.04
N LEU D 163 -15.77 5.08 -18.96
CA LEU D 163 -16.06 5.30 -20.36
C LEU D 163 -16.63 4.01 -20.92
N THR D 164 -17.73 4.12 -21.66
CA THR D 164 -18.17 3.02 -22.51
C THR D 164 -17.86 3.44 -23.95
N VAL D 165 -16.93 2.73 -24.58
CA VAL D 165 -16.43 3.17 -25.88
C VAL D 165 -17.53 3.02 -26.93
N THR D 166 -17.71 4.07 -27.73
CA THR D 166 -18.68 4.01 -28.81
C THR D 166 -18.05 4.00 -30.19
N ARG D 167 -16.85 4.55 -30.34
CA ARG D 167 -16.24 4.59 -31.67
C ARG D 167 -14.76 4.95 -31.54
N ALA D 168 -13.99 4.56 -32.55
CA ALA D 168 -12.65 5.10 -32.70
C ALA D 168 -12.74 6.61 -32.79
N GLY D 169 -11.71 7.30 -32.34
CA GLY D 169 -11.69 8.75 -32.30
C GLY D 169 -10.44 9.35 -32.93
N ASP D 170 -10.33 10.67 -32.83
CA ASP D 170 -9.21 11.44 -33.39
C ASP D 170 -9.06 12.67 -32.51
N ALA D 171 -8.15 13.57 -32.89
CA ALA D 171 -7.85 14.71 -32.05
C ALA D 171 -9.05 15.62 -31.83
N GLY D 172 -10.06 15.57 -32.72
CA GLY D 172 -11.32 16.26 -32.46
C GLY D 172 -11.99 15.88 -31.16
N ASP D 173 -11.76 14.66 -30.67
CA ASP D 173 -12.40 14.17 -29.46
C ASP D 173 -11.67 14.55 -28.18
N LEU D 174 -10.69 15.46 -28.25
CA LEU D 174 -10.10 15.98 -27.03
C LEU D 174 -9.89 17.48 -27.18
N ARG D 175 -9.88 18.14 -26.02
CA ARG D 175 -9.85 19.60 -25.93
C ARG D 175 -8.44 20.08 -25.60
N SER D 176 -7.60 20.11 -26.63
CA SER D 176 -6.19 20.40 -26.45
C SER D 176 -6.03 21.90 -26.23
N ARG D 177 -5.28 22.27 -25.18
CA ARG D 177 -4.90 23.65 -24.89
C ARG D 177 -3.40 23.66 -24.70
N PRO D 178 -2.66 24.49 -25.44
CA PRO D 178 -1.21 24.26 -25.56
C PRO D 178 -0.43 24.37 -24.26
N ALA D 179 -0.82 25.28 -23.37
CA ALA D 179 -0.01 25.54 -22.20
C ALA D 179 -0.47 24.70 -21.00
N THR D 180 0.48 24.29 -20.18
CA THR D 180 0.20 23.83 -18.82
C THR D 180 0.82 24.83 -17.86
N PHE D 181 -0.01 25.48 -17.07
CA PHE D 181 0.44 26.48 -16.12
C PHE D 181 0.61 25.87 -14.74
N GLY D 182 1.67 26.27 -14.05
CA GLY D 182 1.95 25.76 -12.73
C GLY D 182 2.16 26.89 -11.76
N HIS D 183 2.01 26.56 -10.50
CA HIS D 183 2.26 27.47 -9.38
C HIS D 183 3.40 26.85 -8.58
N ARG D 184 4.62 27.29 -8.83
CA ARG D 184 5.77 26.78 -8.08
C ARG D 184 5.73 27.47 -6.72
N HIS D 185 5.40 26.70 -5.69
CA HIS D 185 5.05 27.27 -4.39
C HIS D 185 5.77 26.48 -3.31
N TRP D 186 6.47 27.21 -2.44
CA TRP D 186 7.25 26.59 -1.37
C TRP D 186 7.16 27.52 -0.17
N PRO D 187 6.12 27.37 0.67
CA PRO D 187 5.83 28.38 1.71
C PRO D 187 6.78 28.29 2.89
N ALA D 188 6.77 29.37 3.66
CA ALA D 188 7.53 29.46 4.90
C ALA D 188 6.67 29.03 6.08
N LEU D 189 7.20 28.11 6.88
CA LEU D 189 6.56 27.71 8.13
C LEU D 189 7.13 28.45 9.32
N HIS D 190 8.16 29.26 9.10
CA HIS D 190 8.74 30.14 10.09
C HIS D 190 9.04 31.44 9.35
N PRO D 191 8.82 32.59 9.96
CA PRO D 191 9.04 33.86 9.24
C PRO D 191 10.45 34.00 8.69
N THR D 192 11.45 33.31 9.23
CA THR D 192 12.80 33.45 8.68
C THR D 192 13.03 32.56 7.47
N GLN D 193 12.12 31.65 7.16
CA GLN D 193 12.37 30.77 6.01
C GLN D 193 12.17 31.51 4.68
N THR D 194 12.89 31.05 3.65
CA THR D 194 12.82 31.69 2.34
C THR D 194 11.68 31.06 1.56
N PRO D 195 10.61 31.79 1.25
CA PRO D 195 9.52 31.20 0.49
C PRO D 195 9.73 31.35 -1.02
N VAL D 196 8.99 30.53 -1.76
CA VAL D 196 8.93 30.64 -3.21
C VAL D 196 7.45 30.62 -3.59
N SER D 197 7.08 31.52 -4.50
CA SER D 197 5.73 31.52 -5.06
C SER D 197 5.79 32.16 -6.43
N GLU D 198 5.69 31.35 -7.48
CA GLU D 198 5.83 31.86 -8.83
C GLU D 198 5.05 31.03 -9.84
N LEU D 199 4.45 31.73 -10.81
CA LEU D 199 3.79 31.09 -11.94
C LEU D 199 4.82 30.66 -12.96
N VAL D 200 4.63 29.43 -13.45
CA VAL D 200 5.53 28.84 -14.42
C VAL D 200 4.68 28.26 -15.54
N GLU D 201 5.35 27.96 -16.65
CA GLU D 201 4.70 27.39 -17.81
C GLU D 201 5.58 26.20 -18.19
N VAL D 202 4.97 25.02 -18.30
CA VAL D 202 5.75 23.88 -18.74
C VAL D 202 5.45 23.58 -20.19
N ARG D 204 5.70 21.28 -23.00
CA ARG D 204 6.17 19.98 -23.41
C ARG D 204 6.45 19.89 -24.90
N SER D 205 7.60 19.31 -25.23
CA SER D 205 7.98 19.04 -26.62
C SER D 205 7.67 17.60 -27.02
N ASP D 206 7.79 17.36 -28.32
CA ASP D 206 7.73 16.02 -28.92
C ASP D 206 6.44 15.29 -28.57
N LEU D 207 5.33 16.03 -28.60
CA LEU D 207 4.03 15.51 -28.21
C LEU D 207 3.48 14.61 -29.33
N ARG D 208 3.02 13.43 -28.94
CA ARG D 208 2.36 12.48 -29.84
C ARG D 208 1.15 11.97 -29.08
N VAL D 209 -0.01 11.94 -29.76
CA VAL D 209 -1.24 11.39 -29.21
C VAL D 209 -1.79 10.36 -30.19
N GLY D 210 -2.34 9.27 -29.67
CA GLY D 210 -2.87 8.27 -30.56
C GLY D 210 -3.70 7.23 -29.84
N ASP D 211 -4.13 6.25 -30.62
CA ASP D 211 -4.99 5.16 -30.14
C ASP D 211 -6.17 5.74 -29.36
N ILE D 212 -6.89 6.62 -30.04
CA ILE D 212 -7.96 7.40 -29.42
C ILE D 212 -9.29 6.70 -29.61
N TRP D 213 -10.05 6.58 -28.52
CA TRP D 213 -11.39 6.03 -28.56
C TRP D 213 -12.31 6.96 -27.78
N ALA D 214 -13.45 7.24 -28.34
CA ALA D 214 -14.43 8.11 -27.70
C ALA D 214 -15.59 7.27 -27.18
N GLY D 215 -16.36 7.85 -26.26
CA GLY D 215 -17.48 7.08 -25.75
C GLY D 215 -18.27 7.83 -24.71
N GLU D 216 -19.13 7.07 -24.05
CA GLU D 216 -20.09 7.60 -23.09
C GLU D 216 -19.41 7.66 -21.72
N PRO D 217 -19.21 8.84 -21.14
CA PRO D 217 -18.44 8.95 -19.90
C PRO D 217 -19.29 8.84 -18.65
N PHE D 218 -18.62 8.58 -17.53
CA PHE D 218 -19.34 8.85 -16.30
C PHE D 218 -18.29 9.30 -15.29
N ILE D 219 -18.72 10.12 -14.37
CA ILE D 219 -17.88 10.58 -13.29
C ILE D 219 -18.75 10.64 -12.04
N GLU D 220 -18.14 10.32 -10.89
CA GLU D 220 -18.81 10.41 -9.61
C GLU D 220 -17.78 10.93 -8.61
N LEU D 221 -18.00 12.14 -8.11
CA LEU D 221 -17.09 12.74 -7.15
C LEU D 221 -17.40 12.25 -5.74
N GLY D 222 -16.35 12.03 -4.95
CA GLY D 222 -16.48 11.75 -3.54
C GLY D 222 -16.33 13.03 -2.73
N SER D 223 -16.01 12.86 -1.44
CA SER D 223 -15.77 14.00 -0.57
C SER D 223 -14.85 13.53 0.53
N ALA D 224 -14.00 14.44 0.98
CA ALA D 224 -13.08 14.12 2.06
C ALA D 224 -12.88 15.33 2.93
N PRO D 225 -12.65 15.12 4.24
CA PRO D 225 -12.49 16.26 5.14
C PRO D 225 -11.28 17.11 4.80
N ASP D 226 -10.28 16.57 4.12
CA ASP D 226 -9.07 17.33 3.79
C ASP D 226 -8.93 17.59 2.29
N GLU D 227 -10.05 17.58 1.58
CA GLU D 227 -10.05 17.90 0.15
C GLU D 227 -11.14 18.90 -0.11
N ALA D 228 -11.18 19.42 -1.33
CA ALA D 228 -12.18 20.41 -1.70
C ALA D 228 -12.87 19.99 -2.98
N LEU D 229 -13.26 18.72 -3.02
CA LEU D 229 -13.84 18.14 -4.22
C LEU D 229 -15.16 18.80 -4.59
N GLU D 230 -15.87 19.37 -3.60
CA GLU D 230 -17.15 20.02 -3.88
C GLU D 230 -17.02 21.16 -4.89
N CYS D 231 -15.82 21.71 -5.08
CA CYS D 231 -15.61 22.78 -6.08
C CYS D 231 -15.95 22.31 -7.50
N PHE D 232 -15.91 21.01 -7.74
CA PHE D 232 -16.20 20.47 -9.06
C PHE D 232 -17.56 19.77 -9.11
N ALA D 233 -18.38 19.93 -8.06
CA ALA D 233 -19.53 19.05 -7.86
C ALA D 233 -20.68 19.36 -8.81
N ASP D 234 -20.98 20.64 -9.02
CA ASP D 234 -22.16 21.00 -9.78
C ASP D 234 -21.71 21.16 -11.22
N HIS D 235 -21.68 20.05 -11.95
CA HIS D 235 -21.06 20.05 -13.26
C HIS D 235 -22.01 19.51 -14.32
N GLU D 236 -21.65 19.83 -15.55
CA GLU D 236 -22.23 19.21 -16.73
C GLU D 236 -21.17 18.31 -17.32
N VAL D 237 -21.51 17.06 -17.53
CA VAL D 237 -20.61 16.09 -18.14
C VAL D 237 -20.69 16.24 -19.66
N LEU D 238 -19.56 16.52 -20.31
CA LEU D 238 -19.53 16.86 -21.74
C LEU D 238 -19.17 15.67 -22.64
N ALA D 239 -18.07 14.97 -22.38
CA ALA D 239 -17.57 13.93 -23.27
C ALA D 239 -16.55 13.09 -22.52
N GLY D 240 -16.26 11.90 -23.07
CA GLY D 240 -15.22 11.05 -22.51
C GLY D 240 -14.37 10.48 -23.64
N VAL D 241 -13.11 10.25 -23.34
CA VAL D 241 -12.17 9.74 -24.33
C VAL D 241 -11.10 8.97 -23.58
N THR D 242 -10.56 7.95 -24.23
CA THR D 242 -9.38 7.26 -23.72
C THR D 242 -8.34 7.22 -24.83
N TYR D 243 -7.05 7.34 -24.48
CA TYR D 243 -6.01 7.46 -25.49
C TYR D 243 -4.65 7.25 -24.86
N SER D 244 -3.63 7.16 -25.71
CA SER D 244 -2.23 7.14 -25.31
C SER D 244 -1.49 8.38 -25.82
N TYR D 245 -0.49 8.83 -25.07
CA TYR D 245 0.21 10.07 -25.41
C TYR D 245 1.62 10.02 -24.87
N GLY D 246 2.53 10.64 -25.60
CA GLY D 246 3.92 10.76 -25.19
C GLY D 246 4.42 12.17 -25.40
N PHE D 247 5.37 12.55 -24.56
CA PHE D 247 5.95 13.90 -24.58
C PHE D 247 7.25 13.92 -23.81
N ARG D 248 7.98 15.04 -23.96
CA ARG D 248 9.18 15.35 -23.20
C ARG D 248 8.98 16.67 -22.46
N ILE D 249 9.52 16.76 -21.25
CA ILE D 249 9.45 17.99 -20.47
C ILE D 249 10.79 18.26 -19.82
N GLY D 250 11.16 19.54 -19.77
CA GLY D 250 12.29 19.98 -18.97
C GLY D 250 11.82 20.74 -17.74
N GLY D 251 12.59 21.74 -17.33
CA GLY D 251 12.11 22.62 -16.29
C GLY D 251 11.08 23.60 -16.82
N ALA D 252 10.09 23.89 -15.99
CA ALA D 252 9.09 24.91 -16.30
C ALA D 252 9.68 26.32 -16.17
N THR D 253 9.23 27.20 -17.07
CA THR D 253 9.83 28.51 -17.24
C THR D 253 9.08 29.52 -16.40
N ARG D 254 9.83 30.33 -15.68
CA ARG D 254 9.20 31.30 -14.81
C ARG D 254 8.47 32.33 -15.66
N LEU D 255 7.20 32.56 -15.33
CA LEU D 255 6.42 33.63 -15.95
C LEU D 255 6.49 34.90 -15.11
N GLU D 256 6.01 34.83 -13.87
CA GLU D 256 5.90 36.00 -12.99
C GLU D 256 5.99 35.59 -11.51
#